data_6WCX
#
_entry.id   6WCX
#
_cell.length_a   86.957
_cell.length_b   86.957
_cell.length_c   454.712
_cell.angle_alpha   90.000
_cell.angle_beta   90.000
_cell.angle_gamma   120.000
#
_symmetry.space_group_name_H-M   'P 61 2 2'
#
loop_
_entity.id
_entity.type
_entity.pdbx_description
1 polymer 'Esterase family protein'
2 non-polymer HEPTAN-1-OL
3 water water
#
_entity_poly.entity_id   1
_entity_poly.type   'polypeptide(L)'
_entity_poly.pdbx_seq_one_letter_code
;GPGAYISLNYHSPTIGMHQNLTVILPEDQSFFNSDTTVKPLKTLMLLHGLSSDETTYMRYTSIERYANEHKLAVIMPNVD
HSAYANMAYGHSYYDYILEVYDYVHQIFPLSKKRDDNFIAGHSMGGYGTIKFALTQGDKFAKAVPLSAVFEAQNLMDLEW
NDFSKEAIIGNLSSVKGTEHDPYYLLDKAVAEDKQIPKLLIMCGKQDFLYQDNLDFIDYLSRINVPYQFEDGPGDHDYAY
WDQAIKRAITWMVND
;
_entity_poly.pdbx_strand_id   A,B,C,D
#
# COMPACT_ATOMS: atom_id res chain seq x y z
N GLY A 1 -16.02 15.05 8.43
CA GLY A 1 -14.93 15.61 7.64
C GLY A 1 -13.94 14.57 7.13
N PRO A 2 -13.28 14.86 5.99
CA PRO A 2 -12.43 13.84 5.38
C PRO A 2 -10.94 14.01 5.68
N GLY A 3 -10.12 13.06 5.23
CA GLY A 3 -8.70 13.12 5.54
C GLY A 3 -7.88 12.28 4.58
N ALA A 4 -6.60 12.17 4.90
CA ALA A 4 -5.64 11.42 4.10
C ALA A 4 -5.16 10.19 4.86
N TYR A 5 -5.10 9.05 4.17
CA TYR A 5 -4.49 7.84 4.70
C TYR A 5 -3.11 7.68 4.09
N ILE A 6 -2.09 7.74 4.93
CA ILE A 6 -0.72 7.88 4.47
C ILE A 6 0.11 6.73 5.02
N SER A 7 0.78 6.01 4.13
CA SER A 7 1.67 4.92 4.50
C SER A 7 3.08 5.24 4.01
N LEU A 8 4.03 5.29 4.93
CA LEU A 8 5.41 5.63 4.62
C LEU A 8 6.29 4.40 4.73
N ASN A 9 7.33 4.33 3.89
CA ASN A 9 8.39 3.34 4.06
C ASN A 9 9.71 4.06 3.82
N TYR A 10 10.48 4.26 4.89
CA TYR A 10 11.76 4.93 4.79
C TYR A 10 12.81 4.13 5.55
N HIS A 11 14.07 4.35 5.19
CA HIS A 11 15.20 3.77 5.91
C HIS A 11 15.40 4.54 7.21
N SER A 12 15.23 3.87 8.34
CA SER A 12 15.37 4.52 9.62
C SER A 12 16.83 4.44 10.06
N PRO A 13 17.47 5.56 10.36
CA PRO A 13 18.85 5.49 10.90
C PRO A 13 18.93 4.90 12.29
N THR A 14 17.82 4.84 13.03
CA THR A 14 17.90 4.27 14.37
C THR A 14 17.95 2.75 14.32
N ILE A 15 16.98 2.13 13.65
CA ILE A 15 16.90 0.67 13.62
C ILE A 15 17.61 0.07 12.41
N GLY A 16 18.24 0.88 11.58
CA GLY A 16 19.15 0.39 10.58
C GLY A 16 18.52 -0.46 9.50
N MET A 17 17.28 -0.16 9.12
CA MET A 17 16.59 -0.90 8.08
C MET A 17 15.41 -0.08 7.59
N HIS A 18 14.89 -0.47 6.43
CA HIS A 18 13.62 0.07 5.97
C HIS A 18 12.49 -0.39 6.88
N GLN A 19 11.54 0.50 7.12
CA GLN A 19 10.44 0.16 8.01
C GLN A 19 9.20 0.86 7.51
N ASN A 20 8.06 0.20 7.67
CA ASN A 20 6.77 0.73 7.28
C ASN A 20 6.15 1.50 8.43
N LEU A 21 5.32 2.48 8.08
CA LEU A 21 4.71 3.38 9.04
C LEU A 21 3.41 3.88 8.43
N THR A 22 2.35 3.96 9.23
CA THR A 22 1.07 4.44 8.74
C THR A 22 0.65 5.70 9.49
N VAL A 23 0.04 6.63 8.74
CA VAL A 23 -0.30 7.96 9.21
C VAL A 23 -1.72 8.28 8.77
N ILE A 24 -2.56 8.66 9.73
CA ILE A 24 -3.84 9.32 9.43
C ILE A 24 -3.61 10.83 9.50
N LEU A 25 -3.94 11.52 8.43
CA LEU A 25 -3.80 12.98 8.38
C LEU A 25 -5.14 13.56 7.97
N PRO A 26 -5.95 14.03 8.93
CA PRO A 26 -7.24 14.63 8.59
C PRO A 26 -7.06 15.93 7.83
N GLU A 27 -7.97 16.18 6.91
CA GLU A 27 -7.82 17.33 6.03
C GLU A 27 -8.31 18.58 6.74
N ASP A 28 -7.50 19.62 6.68
CA ASP A 28 -7.89 20.95 7.08
C ASP A 28 -8.04 21.76 5.81
N GLN A 29 -8.80 22.87 5.90
CA GLN A 29 -8.96 23.74 4.74
C GLN A 29 -7.63 24.41 4.38
N SER A 30 -6.76 24.64 5.39
CA SER A 30 -5.42 25.19 5.20
C SER A 30 -4.60 24.47 4.14
N PHE A 31 -4.83 23.16 3.96
CA PHE A 31 -3.93 22.35 3.13
C PHE A 31 -4.10 22.60 1.64
N PHE A 32 -5.22 23.19 1.22
CA PHE A 32 -5.51 23.36 -0.20
C PHE A 32 -5.40 24.80 -0.66
N ASN A 33 -5.02 25.72 0.23
CA ASN A 33 -4.86 27.12 -0.09
C ASN A 33 -3.41 27.51 0.17
N SER A 34 -2.72 27.98 -0.87
CA SER A 34 -1.31 28.33 -0.74
C SER A 34 -1.10 29.76 -0.27
N ASP A 35 -2.15 30.56 -0.20
CA ASP A 35 -2.09 31.88 0.43
C ASP A 35 -2.34 31.79 1.93
N THR A 36 -2.70 30.60 2.40
CA THR A 36 -2.88 30.30 3.82
C THR A 36 -1.57 29.77 4.39
N THR A 37 -1.22 30.18 5.61
CA THR A 37 -0.20 29.46 6.36
C THR A 37 -0.85 28.30 7.09
N VAL A 38 -0.14 27.17 7.15
CA VAL A 38 -0.73 25.91 7.59
C VAL A 38 -0.92 25.87 9.10
N LYS A 39 -2.15 25.55 9.52
CA LYS A 39 -2.44 25.34 10.94
C LYS A 39 -2.09 23.90 11.32
N PRO A 40 -1.14 23.68 12.22
CA PRO A 40 -0.71 22.31 12.53
C PRO A 40 -1.77 21.56 13.36
N LEU A 41 -1.85 20.25 13.10
CA LEU A 41 -2.86 19.40 13.73
C LEU A 41 -2.36 18.80 15.04
N LYS A 42 -3.32 18.53 15.93
CA LYS A 42 -3.08 17.67 17.08
C LYS A 42 -2.63 16.28 16.61
N THR A 43 -1.78 15.63 17.39
CA THR A 43 -1.17 14.38 16.95
C THR A 43 -1.26 13.33 18.04
N LEU A 44 -1.62 12.11 17.64
CA LEU A 44 -1.71 10.97 18.53
C LEU A 44 -0.69 9.94 18.10
N MET A 45 0.10 9.44 19.05
N MET A 45 0.11 9.46 19.05
CA MET A 45 1.06 8.38 18.80
CA MET A 45 1.06 8.38 18.80
C MET A 45 0.43 7.07 19.25
C MET A 45 0.40 7.08 19.24
N LEU A 46 0.08 6.22 18.29
CA LEU A 46 -0.70 5.01 18.54
C LEU A 46 0.17 3.77 18.39
N LEU A 47 0.26 2.99 19.47
CA LEU A 47 1.21 1.89 19.62
C LEU A 47 0.46 0.55 19.61
N HIS A 48 0.80 -0.33 18.68
CA HIS A 48 0.14 -1.63 18.61
C HIS A 48 0.61 -2.57 19.71
N GLY A 49 -0.13 -3.67 19.88
CA GLY A 49 0.22 -4.70 20.84
C GLY A 49 1.00 -5.84 20.18
N LEU A 50 1.25 -6.88 20.97
CA LEU A 50 1.97 -8.05 20.46
C LEU A 50 1.18 -8.76 19.37
N SER A 51 1.92 -9.21 18.34
CA SER A 51 1.54 -9.94 17.12
C SER A 51 1.00 -8.99 16.06
N SER A 52 0.82 -7.70 16.35
CA SER A 52 0.28 -6.74 15.41
C SER A 52 1.42 -5.98 14.72
N ASP A 53 1.05 -5.01 13.89
CA ASP A 53 2.02 -4.08 13.29
C ASP A 53 1.31 -2.77 12.95
N GLU A 54 1.88 -2.01 12.00
CA GLU A 54 1.44 -0.69 11.61
C GLU A 54 0.14 -0.70 10.82
N THR A 55 -0.33 -1.85 10.34
CA THR A 55 -1.54 -1.89 9.52
C THR A 55 -2.81 -2.27 10.29
N THR A 56 -2.68 -2.86 11.48
CA THR A 56 -3.80 -3.58 12.09
C THR A 56 -4.85 -2.67 12.71
N TYR A 57 -4.51 -1.44 13.10
CA TYR A 57 -5.51 -0.55 13.67
C TYR A 57 -6.49 -0.06 12.62
N MET A 58 -6.00 0.20 11.40
N MET A 58 -5.99 0.17 11.39
CA MET A 58 -6.88 0.52 10.29
CA MET A 58 -6.87 0.53 10.29
C MET A 58 -7.76 -0.67 9.93
C MET A 58 -7.72 -0.65 9.84
N ARG A 59 -7.17 -1.87 9.91
CA ARG A 59 -7.89 -3.04 9.42
C ARG A 59 -9.00 -3.46 10.37
N TYR A 60 -8.75 -3.36 11.68
CA TYR A 60 -9.62 -3.98 12.67
C TYR A 60 -10.46 -2.98 13.47
N THR A 61 -10.21 -1.68 13.32
CA THR A 61 -11.03 -0.62 13.89
C THR A 61 -11.50 0.32 12.78
N SER A 62 -12.23 1.36 13.16
CA SER A 62 -12.48 2.44 12.22
C SER A 62 -11.87 3.72 12.76
N ILE A 63 -10.56 3.71 13.02
CA ILE A 63 -9.94 4.81 13.75
C ILE A 63 -9.87 6.07 12.91
N GLU A 64 -9.63 5.94 11.59
CA GLU A 64 -9.58 7.12 10.71
C GLU A 64 -10.91 7.85 10.67
N ARG A 65 -12.03 7.12 10.80
CA ARG A 65 -13.32 7.75 10.97
C ARG A 65 -13.38 8.57 12.26
N TYR A 66 -12.92 7.99 13.38
CA TYR A 66 -12.99 8.71 14.65
C TYR A 66 -12.00 9.87 14.69
N ALA A 67 -10.83 9.67 14.10
CA ALA A 67 -9.81 10.71 14.10
C ALA A 67 -10.22 11.89 13.23
N ASN A 68 -10.90 11.63 12.12
CA ASN A 68 -11.29 12.72 11.23
C ASN A 68 -12.41 13.58 11.82
N GLU A 69 -13.32 13.01 12.64
CA GLU A 69 -14.32 13.86 13.29
C GLU A 69 -13.72 14.81 14.31
N HIS A 70 -12.54 14.50 14.85
CA HIS A 70 -11.93 15.30 15.90
C HIS A 70 -10.64 15.94 15.43
N LYS A 71 -10.43 15.96 14.10
CA LYS A 71 -9.28 16.57 13.41
C LYS A 71 -7.93 16.18 14.02
N LEU A 72 -7.76 14.89 14.29
CA LEU A 72 -6.61 14.36 15.01
C LEU A 72 -5.74 13.51 14.10
N ALA A 73 -4.48 13.89 13.95
CA ALA A 73 -3.55 13.04 13.23
C ALA A 73 -3.16 11.83 14.08
N VAL A 74 -3.07 10.66 13.44
CA VAL A 74 -2.74 9.42 14.12
C VAL A 74 -1.48 8.81 13.49
N ILE A 75 -0.49 8.52 14.33
CA ILE A 75 0.78 7.95 13.90
C ILE A 75 0.87 6.51 14.41
N MET A 76 0.89 5.55 13.49
CA MET A 76 0.96 4.14 13.87
C MET A 76 2.21 3.46 13.31
N PRO A 77 3.28 3.30 14.15
CA PRO A 77 4.50 2.62 13.70
C PRO A 77 4.54 1.13 14.01
N ASN A 78 5.61 0.46 13.62
CA ASN A 78 5.78 -0.98 13.81
C ASN A 78 7.03 -1.24 14.63
N VAL A 79 6.88 -2.03 15.71
CA VAL A 79 7.98 -2.25 16.64
C VAL A 79 8.25 -3.73 16.86
N ASP A 80 7.62 -4.58 16.05
CA ASP A 80 7.86 -6.04 16.00
C ASP A 80 7.47 -6.65 17.34
N HIS A 81 8.33 -7.45 17.98
CA HIS A 81 8.04 -8.11 19.24
C HIS A 81 8.83 -7.49 20.41
N SER A 82 9.21 -6.22 20.29
CA SER A 82 10.25 -5.65 21.12
C SER A 82 9.78 -5.25 22.51
N ALA A 83 8.46 -5.11 22.71
CA ALA A 83 7.86 -4.47 23.89
C ALA A 83 8.39 -3.06 24.09
N TYR A 84 8.68 -2.36 22.98
CA TYR A 84 9.02 -0.93 22.94
C TYR A 84 10.30 -0.63 23.70
N ALA A 85 11.20 -1.61 23.77
CA ALA A 85 12.45 -1.48 24.49
C ALA A 85 13.61 -1.36 23.52
N ASN A 86 14.71 -0.78 23.98
CA ASN A 86 15.97 -0.93 23.26
C ASN A 86 16.47 -2.33 23.56
N MET A 87 16.26 -3.24 22.61
CA MET A 87 16.43 -4.66 22.86
C MET A 87 17.89 -5.02 23.07
N ALA A 88 18.13 -5.94 24.01
CA ALA A 88 19.48 -6.42 24.29
C ALA A 88 20.08 -7.13 23.08
N TYR A 89 19.28 -7.97 22.41
CA TYR A 89 19.68 -8.61 21.17
C TYR A 89 18.60 -8.34 20.13
N GLY A 90 18.69 -7.19 19.46
CA GLY A 90 17.70 -6.81 18.48
C GLY A 90 17.80 -5.35 18.04
N HIS A 91 16.66 -4.71 17.84
CA HIS A 91 16.65 -3.33 17.39
C HIS A 91 16.38 -2.39 18.56
N SER A 92 16.82 -1.14 18.42
CA SER A 92 16.66 -0.16 19.48
C SER A 92 15.33 0.56 19.25
N TYR A 93 14.26 -0.15 19.58
CA TYR A 93 12.91 0.29 19.24
C TYR A 93 12.35 1.32 20.20
N TYR A 94 12.93 1.51 21.38
CA TYR A 94 12.59 2.68 22.18
C TYR A 94 13.01 3.96 21.48
N ASP A 95 14.29 4.02 21.07
CA ASP A 95 14.79 5.20 20.38
C ASP A 95 14.12 5.42 19.03
N TYR A 96 13.63 4.34 18.41
CA TYR A 96 12.94 4.42 17.12
C TYR A 96 11.67 5.25 17.23
N ILE A 97 10.93 5.10 18.34
CA ILE A 97 9.67 5.83 18.52
C ILE A 97 9.92 7.33 18.67
N LEU A 98 11.01 7.71 19.35
CA LEU A 98 11.42 9.11 19.36
C LEU A 98 11.86 9.57 17.97
N GLU A 99 12.44 8.66 17.18
CA GLU A 99 12.79 9.02 15.81
C GLU A 99 11.56 9.17 14.94
N VAL A 100 10.59 8.25 15.06
CA VAL A 100 9.31 8.39 14.35
C VAL A 100 8.62 9.69 14.73
N TYR A 101 8.59 10.01 16.02
CA TYR A 101 8.03 11.26 16.52
C TYR A 101 8.70 12.47 15.89
N ASP A 102 10.05 12.49 15.91
CA ASP A 102 10.79 13.60 15.33
C ASP A 102 10.59 13.68 13.82
N TYR A 103 10.50 12.53 13.15
CA TYR A 103 10.40 12.52 11.70
C TYR A 103 9.07 13.08 11.21
N VAL A 104 7.95 12.65 11.80
CA VAL A 104 6.65 13.11 11.33
C VAL A 104 6.32 14.52 11.79
N HIS A 105 6.95 15.02 12.85
CA HIS A 105 6.70 16.41 13.21
C HIS A 105 7.47 17.35 12.28
N GLN A 106 8.58 16.89 11.70
CA GLN A 106 9.34 17.71 10.77
C GLN A 106 8.74 17.70 9.36
N ILE A 107 8.24 16.55 8.89
CA ILE A 107 7.80 16.46 7.50
C ILE A 107 6.29 16.56 7.33
N PHE A 108 5.51 16.45 8.40
CA PHE A 108 4.07 16.61 8.28
C PHE A 108 3.60 17.83 9.05
N PRO A 109 2.47 18.44 8.67
CA PRO A 109 1.97 19.59 9.43
C PRO A 109 1.40 19.21 10.78
N LEU A 110 2.26 18.84 11.72
CA LEU A 110 1.82 18.42 13.04
C LEU A 110 2.27 19.44 14.06
N SER A 111 1.41 19.70 15.04
CA SER A 111 1.76 20.56 16.18
C SER A 111 2.89 19.97 17.00
N LYS A 112 3.89 20.79 17.28
CA LYS A 112 4.95 20.38 18.18
C LYS A 112 4.70 20.79 19.63
N LYS A 113 3.58 21.43 19.92
CA LYS A 113 3.19 21.75 21.29
C LYS A 113 2.94 20.50 22.12
N ARG A 114 3.30 20.55 23.41
CA ARG A 114 3.06 19.43 24.31
C ARG A 114 1.56 19.19 24.51
N ASP A 115 0.75 20.25 24.58
CA ASP A 115 -0.68 20.07 24.81
C ASP A 115 -1.43 19.56 23.60
N ASP A 116 -0.77 19.43 22.45
CA ASP A 116 -1.39 18.89 21.25
C ASP A 116 -0.91 17.49 20.90
N ASN A 117 -0.02 16.91 21.71
CA ASN A 117 0.55 15.61 21.41
C ASN A 117 0.12 14.63 22.49
N PHE A 118 -0.46 13.51 22.06
CA PHE A 118 -0.90 12.47 22.97
C PHE A 118 -0.27 11.16 22.52
N ILE A 119 -0.34 10.15 23.39
CA ILE A 119 0.18 8.82 23.07
C ILE A 119 -0.80 7.79 23.61
N ALA A 120 -0.96 6.69 22.87
CA ALA A 120 -1.91 5.66 23.28
C ALA A 120 -1.47 4.31 22.73
N GLY A 121 -2.08 3.26 23.27
CA GLY A 121 -1.81 1.92 22.77
C GLY A 121 -2.45 0.79 23.56
N HIS A 122 -2.52 -0.40 22.98
CA HIS A 122 -3.17 -1.53 23.63
C HIS A 122 -2.18 -2.66 23.92
N SER A 123 -2.43 -3.35 25.06
CA SER A 123 -1.65 -4.50 25.53
C SER A 123 -0.17 -4.16 25.67
N MET A 124 0.65 -4.69 24.76
CA MET A 124 2.05 -4.31 24.71
C MET A 124 2.22 -2.85 24.32
N GLY A 125 1.32 -2.31 23.49
CA GLY A 125 1.30 -0.89 23.23
C GLY A 125 0.94 -0.06 24.44
N GLY A 126 0.11 -0.61 25.34
CA GLY A 126 -0.15 0.06 26.60
C GLY A 126 1.08 0.05 27.50
N TYR A 127 1.89 -0.99 27.41
CA TYR A 127 3.19 -1.03 28.08
C TYR A 127 4.14 -0.02 27.47
N GLY A 128 4.15 0.12 26.13
CA GLY A 128 4.93 1.18 25.52
C GLY A 128 4.43 2.56 25.87
N THR A 129 3.11 2.71 26.00
CA THR A 129 2.52 4.02 26.31
C THR A 129 2.91 4.48 27.70
N ILE A 130 2.85 3.57 28.69
CA ILE A 130 3.21 3.96 30.04
C ILE A 130 4.73 4.06 30.22
N LYS A 131 5.51 3.43 29.34
CA LYS A 131 6.95 3.62 29.42
C LYS A 131 7.34 4.99 28.90
N PHE A 132 6.75 5.40 27.77
CA PHE A 132 7.07 6.71 27.23
C PHE A 132 6.41 7.83 27.99
N ALA A 133 5.28 7.56 28.66
CA ALA A 133 4.65 8.60 29.47
C ALA A 133 5.49 8.96 30.68
N LEU A 134 6.13 7.98 31.30
CA LEU A 134 6.89 8.24 32.52
C LEU A 134 8.34 8.64 32.25
N THR A 135 8.84 8.48 31.03
CA THR A 135 10.20 8.86 30.67
C THR A 135 10.29 9.95 29.61
N GLN A 136 9.19 10.29 28.92
CA GLN A 136 9.13 11.39 27.97
C GLN A 136 7.87 12.21 28.22
N GLY A 137 7.69 12.66 29.46
CA GLY A 137 6.49 13.41 29.82
C GLY A 137 6.41 14.79 29.20
N ASP A 138 7.56 15.34 28.79
CA ASP A 138 7.59 16.64 28.13
C ASP A 138 7.07 16.57 26.70
N LYS A 139 6.96 15.38 26.11
CA LYS A 139 6.48 15.27 24.73
C LYS A 139 5.00 15.02 24.63
N PHE A 140 4.33 14.62 25.72
CA PHE A 140 2.92 14.24 25.70
C PHE A 140 2.16 14.89 26.85
N ALA A 141 0.98 15.42 26.54
CA ALA A 141 0.11 15.94 27.60
C ALA A 141 -0.87 14.91 28.11
N LYS A 142 -1.21 13.92 27.29
CA LYS A 142 -2.15 12.88 27.68
C LYS A 142 -1.63 11.53 27.22
N ALA A 143 -1.82 10.50 28.05
CA ALA A 143 -1.36 9.15 27.71
C ALA A 143 -2.46 8.16 28.04
N VAL A 144 -2.81 7.30 27.09
CA VAL A 144 -3.97 6.42 27.22
C VAL A 144 -3.52 4.98 27.02
N PRO A 145 -3.25 4.22 28.10
CA PRO A 145 -3.01 2.79 27.96
C PRO A 145 -4.31 2.01 27.98
N LEU A 146 -4.57 1.25 26.92
CA LEU A 146 -5.78 0.43 26.79
C LEU A 146 -5.42 -1.02 27.07
N SER A 147 -6.14 -1.67 28.00
CA SER A 147 -6.01 -3.11 28.27
C SER A 147 -4.56 -3.51 28.55
N ALA A 148 -3.83 -2.63 29.23
CA ALA A 148 -2.39 -2.61 29.22
C ALA A 148 -1.72 -3.67 30.11
N VAL A 149 -0.43 -3.86 29.85
CA VAL A 149 0.55 -4.52 30.72
C VAL A 149 1.38 -3.50 31.52
N PHE A 150 1.26 -3.65 32.84
CA PHE A 150 1.94 -2.85 33.84
C PHE A 150 2.91 -3.64 34.70
N GLU A 151 2.60 -4.90 34.99
CA GLU A 151 3.55 -5.81 35.64
C GLU A 151 4.35 -6.48 34.53
N ALA A 152 5.60 -6.05 34.37
CA ALA A 152 6.36 -6.44 33.18
C ALA A 152 6.78 -7.91 33.19
N GLN A 153 6.71 -8.58 34.34
CA GLN A 153 7.05 -10.01 34.35
C GLN A 153 6.01 -10.83 33.61
N ASN A 154 4.75 -10.35 33.56
CA ASN A 154 3.70 -11.11 32.89
C ASN A 154 3.88 -11.13 31.38
N LEU A 155 4.49 -10.08 30.82
CA LEU A 155 4.77 -10.03 29.39
C LEU A 155 6.08 -10.73 29.04
N MET A 156 7.11 -10.60 29.90
CA MET A 156 8.39 -11.27 29.65
C MET A 156 8.24 -12.78 29.76
N ASP A 157 7.44 -13.27 30.70
CA ASP A 157 7.26 -14.72 30.81
C ASP A 157 6.07 -15.22 30.00
N LEU A 158 5.51 -14.41 29.10
CA LEU A 158 4.39 -14.86 28.28
C LEU A 158 4.84 -15.87 27.23
N GLU A 159 4.07 -16.94 27.10
CA GLU A 159 4.33 -17.96 26.08
C GLU A 159 3.44 -17.71 24.85
N TRP A 160 3.78 -16.64 24.15
CA TRP A 160 3.13 -16.32 22.88
C TRP A 160 3.95 -16.93 21.74
N ASN A 161 3.27 -17.17 20.61
CA ASN A 161 3.84 -17.71 19.37
C ASN A 161 5.07 -16.94 18.94
N ASP A 162 6.24 -17.59 19.02
CA ASP A 162 7.55 -17.08 18.58
C ASP A 162 8.03 -15.85 19.38
N PHE A 163 7.48 -15.57 20.55
CA PHE A 163 7.94 -14.43 21.33
C PHE A 163 9.21 -14.79 22.10
N SER A 164 10.23 -13.92 22.01
CA SER A 164 11.51 -14.12 22.66
C SER A 164 11.71 -13.09 23.76
N LYS A 165 11.72 -13.55 25.01
CA LYS A 165 11.99 -12.67 26.14
C LYS A 165 13.44 -12.20 26.15
N GLU A 166 14.39 -13.11 25.89
CA GLU A 166 15.80 -12.79 26.03
C GLU A 166 16.31 -11.89 24.91
N ALA A 167 15.58 -11.77 23.82
CA ALA A 167 15.92 -10.76 22.83
C ALA A 167 15.68 -9.35 23.40
N ILE A 168 14.71 -9.21 24.30
CA ILE A 168 14.40 -7.90 24.89
C ILE A 168 15.35 -7.59 26.04
N ILE A 169 15.37 -8.45 27.07
CA ILE A 169 16.06 -8.14 28.32
C ILE A 169 17.36 -8.93 28.52
N GLY A 170 17.70 -9.86 27.64
CA GLY A 170 18.96 -10.60 27.80
C GLY A 170 18.94 -11.55 28.99
N ASN A 171 20.05 -11.57 29.72
CA ASN A 171 20.27 -12.49 30.84
C ASN A 171 19.61 -12.04 32.14
N LEU A 172 18.86 -10.93 32.14
CA LEU A 172 18.18 -10.43 33.34
C LEU A 172 17.20 -11.45 33.91
N SER A 173 17.23 -11.63 35.23
CA SER A 173 16.37 -12.60 35.91
C SER A 173 15.15 -12.00 36.61
N SER A 174 15.01 -10.68 36.63
CA SER A 174 13.72 -10.06 36.97
C SER A 174 13.72 -8.64 36.45
N VAL A 175 12.51 -8.10 36.23
CA VAL A 175 12.38 -6.78 35.63
C VAL A 175 12.30 -5.67 36.67
N LYS A 176 12.08 -6.01 37.94
CA LYS A 176 11.81 -5.02 38.99
C LYS A 176 13.04 -4.17 39.24
N GLY A 177 12.82 -2.86 39.33
CA GLY A 177 13.90 -1.93 39.55
C GLY A 177 14.70 -1.59 38.32
N THR A 178 14.31 -2.08 37.15
CA THR A 178 14.99 -1.76 35.91
C THR A 178 14.09 -0.87 35.06
N GLU A 179 14.65 -0.40 33.94
CA GLU A 179 13.93 0.47 33.03
C GLU A 179 12.77 -0.22 32.32
N HIS A 180 12.67 -1.54 32.42
CA HIS A 180 11.52 -2.29 31.92
C HIS A 180 10.35 -2.32 32.90
N ASP A 181 10.54 -1.87 34.14
CA ASP A 181 9.50 -1.92 35.15
C ASP A 181 8.77 -0.59 35.18
N PRO A 182 7.50 -0.55 34.75
CA PRO A 182 6.76 0.72 34.77
C PRO A 182 6.52 1.25 36.17
N TYR A 183 6.49 0.39 37.17
CA TYR A 183 6.38 0.86 38.55
C TYR A 183 7.63 1.60 38.97
N TYR A 184 8.80 1.12 38.53
CA TYR A 184 10.07 1.80 38.81
C TYR A 184 10.13 3.16 38.12
N LEU A 185 9.67 3.23 36.86
CA LEU A 185 9.68 4.50 36.14
C LEU A 185 8.71 5.50 36.74
N LEU A 186 7.62 5.00 37.34
CA LEU A 186 6.68 5.88 38.04
C LEU A 186 7.31 6.48 39.30
N ASP A 187 8.07 5.67 40.06
CA ASP A 187 8.78 6.17 41.24
C ASP A 187 9.81 7.21 40.86
N LYS A 188 10.59 6.96 39.80
CA LYS A 188 11.61 7.89 39.34
C LYS A 188 10.98 9.16 38.77
N ALA A 189 9.77 9.06 38.20
CA ALA A 189 9.09 10.25 37.71
C ALA A 189 8.60 11.11 38.87
N VAL A 190 8.06 10.49 39.93
CA VAL A 190 7.63 11.24 41.10
C VAL A 190 8.83 11.87 41.80
N ALA A 191 9.93 11.11 41.94
CA ALA A 191 11.08 11.53 42.73
C ALA A 191 11.82 12.70 42.08
N GLU A 192 12.02 12.63 40.76
CA GLU A 192 12.77 13.65 40.02
C GLU A 192 11.91 14.85 39.63
N ASP A 193 10.67 14.90 40.10
CA ASP A 193 9.65 15.90 39.76
C ASP A 193 9.54 16.07 38.25
N LYS A 194 9.26 14.97 37.58
CA LYS A 194 9.02 14.97 36.14
C LYS A 194 7.52 15.06 35.91
N GLN A 195 7.13 15.85 34.90
CA GLN A 195 5.71 16.05 34.61
C GLN A 195 5.10 14.75 34.08
N ILE A 196 4.08 14.28 34.77
CA ILE A 196 3.33 13.10 34.36
C ILE A 196 2.18 13.57 33.47
N PRO A 197 2.03 13.01 32.27
CA PRO A 197 0.89 13.36 31.43
C PRO A 197 -0.43 12.90 32.07
N LYS A 198 -1.51 13.52 31.61
CA LYS A 198 -2.84 13.15 32.10
C LYS A 198 -3.18 11.75 31.59
N LEU A 199 -3.56 10.87 32.50
CA LEU A 199 -3.69 9.46 32.18
C LEU A 199 -5.16 9.07 32.12
N LEU A 200 -5.54 8.40 31.03
CA LEU A 200 -6.81 7.69 30.93
C LEU A 200 -6.47 6.21 30.74
N ILE A 201 -6.76 5.40 31.75
CA ILE A 201 -6.44 3.98 31.69
C ILE A 201 -7.75 3.21 31.50
N MET A 202 -7.81 2.40 30.45
N MET A 202 -7.81 2.41 30.46
CA MET A 202 -9.01 1.67 30.09
CA MET A 202 -9.03 1.67 30.12
C MET A 202 -8.70 0.18 30.02
C MET A 202 -8.72 0.18 30.01
N CYS A 203 -9.56 -0.63 30.64
CA CYS A 203 -9.47 -2.08 30.53
C CYS A 203 -10.85 -2.68 30.69
N GLY A 204 -11.18 -3.61 29.80
CA GLY A 204 -12.41 -4.36 29.94
C GLY A 204 -12.29 -5.35 31.08
N LYS A 205 -13.43 -5.71 31.65
CA LYS A 205 -13.44 -6.43 32.92
C LYS A 205 -13.35 -7.94 32.76
N GLN A 206 -13.47 -8.45 31.53
CA GLN A 206 -13.26 -9.86 31.25
C GLN A 206 -11.88 -10.12 30.66
N ASP A 207 -11.02 -9.10 30.61
CA ASP A 207 -9.65 -9.25 30.16
C ASP A 207 -8.82 -9.98 31.21
N PHE A 208 -7.80 -10.70 30.74
CA PHE A 208 -6.84 -11.32 31.66
C PHE A 208 -6.13 -10.27 32.49
N LEU A 209 -5.81 -9.13 31.88
CA LEU A 209 -5.04 -8.07 32.52
C LEU A 209 -5.89 -7.08 33.29
N TYR A 210 -7.14 -7.42 33.63
CA TYR A 210 -7.94 -6.51 34.42
C TYR A 210 -7.39 -6.36 35.84
N GLN A 211 -7.06 -7.50 36.47
CA GLN A 211 -6.46 -7.45 37.80
C GLN A 211 -5.06 -6.84 37.76
N ASP A 212 -4.35 -7.04 36.66
CA ASP A 212 -3.09 -6.33 36.46
C ASP A 212 -3.31 -4.82 36.40
N ASN A 213 -4.38 -4.38 35.74
CA ASN A 213 -4.66 -2.95 35.67
C ASN A 213 -5.10 -2.39 37.02
N LEU A 214 -5.78 -3.20 37.84
CA LEU A 214 -6.21 -2.66 39.13
C LEU A 214 -5.04 -2.49 40.08
N ASP A 215 -3.99 -3.32 39.96
CA ASP A 215 -2.82 -3.18 40.82
C ASP A 215 -2.04 -1.90 40.52
N PHE A 216 -2.01 -1.49 39.26
CA PHE A 216 -1.26 -0.27 38.90
C PHE A 216 -2.06 0.95 39.30
N ILE A 217 -3.37 0.99 39.10
CA ILE A 217 -4.16 2.16 39.49
C ILE A 217 -4.33 2.25 41.00
N ASP A 218 -4.30 1.04 41.66
CA ASP A 218 -4.24 1.10 43.15
C ASP A 218 -2.91 1.70 43.62
N TYR A 219 -1.80 1.31 43.00
CA TYR A 219 -0.49 1.89 43.40
C TYR A 219 -0.48 3.38 43.07
N LEU A 220 -1.03 3.72 41.91
CA LEU A 220 -1.06 5.11 41.43
C LEU A 220 -1.75 5.99 42.46
N SER A 221 -2.86 5.53 43.02
CA SER A 221 -3.62 6.28 44.01
C SER A 221 -2.85 6.42 45.31
N ARG A 222 -1.96 5.47 45.61
CA ARG A 222 -1.24 5.44 46.87
C ARG A 222 -0.03 6.37 46.90
N ILE A 223 0.40 6.88 45.76
CA ILE A 223 1.50 7.85 45.70
C ILE A 223 1.02 9.22 45.17
N ASN A 224 -0.31 9.42 45.16
CA ASN A 224 -0.97 10.71 44.88
C ASN A 224 -0.68 11.22 43.46
N VAL A 225 -0.87 10.34 42.49
CA VAL A 225 -0.83 10.66 41.06
C VAL A 225 -2.24 10.59 40.51
N PRO A 226 -2.74 11.64 39.86
CA PRO A 226 -4.11 11.62 39.34
C PRO A 226 -4.24 10.78 38.07
N TYR A 227 -5.39 10.13 37.94
CA TYR A 227 -5.69 9.36 36.74
C TYR A 227 -7.20 9.28 36.61
N GLN A 228 -7.63 8.80 35.44
CA GLN A 228 -9.04 8.49 35.18
C GLN A 228 -9.09 7.07 34.65
N PHE A 229 -9.81 6.20 35.35
CA PHE A 229 -9.89 4.78 35.00
C PHE A 229 -11.30 4.45 34.54
N GLU A 230 -11.42 3.90 33.33
CA GLU A 230 -12.71 3.52 32.76
C GLU A 230 -12.73 2.02 32.51
N ASP A 231 -13.71 1.33 33.09
CA ASP A 231 -13.86 -0.10 32.90
C ASP A 231 -15.22 -0.41 32.27
N GLY A 232 -15.68 -1.64 32.43
CA GLY A 232 -16.91 -2.05 31.79
C GLY A 232 -16.75 -3.35 31.03
N PRO A 233 -17.83 -3.82 30.41
CA PRO A 233 -17.79 -5.09 29.67
C PRO A 233 -16.88 -5.03 28.45
N GLY A 234 -15.85 -5.89 28.46
CA GLY A 234 -14.82 -5.88 27.44
C GLY A 234 -13.85 -7.02 27.61
N ASP A 235 -13.16 -7.40 26.55
CA ASP A 235 -12.24 -8.52 26.51
C ASP A 235 -10.99 -8.06 25.79
N HIS A 236 -10.07 -8.99 25.54
CA HIS A 236 -8.79 -8.65 24.92
C HIS A 236 -8.89 -8.85 23.41
N ASP A 237 -9.67 -7.99 22.76
CA ASP A 237 -9.86 -8.10 21.32
C ASP A 237 -10.01 -6.71 20.73
N TYR A 238 -9.90 -6.65 19.39
CA TYR A 238 -10.06 -5.39 18.69
C TYR A 238 -11.48 -4.86 18.71
N ALA A 239 -12.46 -5.70 19.06
CA ALA A 239 -13.81 -5.19 19.26
C ALA A 239 -13.86 -4.23 20.44
N TYR A 240 -13.15 -4.56 21.52
CA TYR A 240 -13.08 -3.64 22.65
C TYR A 240 -12.23 -2.42 22.33
N TRP A 241 -11.09 -2.62 21.66
CA TRP A 241 -10.18 -1.51 21.39
C TRP A 241 -10.72 -0.57 20.33
N ASP A 242 -11.61 -1.05 19.45
CA ASP A 242 -12.26 -0.16 18.50
C ASP A 242 -13.18 0.81 19.21
N GLN A 243 -13.98 0.32 20.15
CA GLN A 243 -14.88 1.19 20.90
C GLN A 243 -14.11 2.06 21.90
N ALA A 244 -13.04 1.51 22.50
CA ALA A 244 -12.26 2.26 23.47
C ALA A 244 -11.49 3.41 22.83
N ILE A 245 -10.91 3.18 21.64
CA ILE A 245 -10.13 4.23 20.99
C ILE A 245 -11.03 5.36 20.50
N LYS A 246 -12.32 5.08 20.25
CA LYS A 246 -13.25 6.16 19.97
C LYS A 246 -13.49 7.02 21.21
N ARG A 247 -13.67 6.37 22.36
CA ARG A 247 -13.85 7.09 23.63
C ARG A 247 -12.58 7.86 23.99
N ALA A 248 -11.42 7.28 23.72
CA ALA A 248 -10.16 7.91 24.11
C ALA A 248 -9.86 9.13 23.24
N ILE A 249 -10.18 9.04 21.94
CA ILE A 249 -9.89 10.13 21.01
C ILE A 249 -10.77 11.34 21.32
N THR A 250 -12.02 11.08 21.70
CA THR A 250 -12.91 12.15 22.13
C THR A 250 -12.44 12.76 23.45
N TRP A 251 -11.92 11.93 24.35
CA TRP A 251 -11.43 12.44 25.63
C TRP A 251 -10.17 13.27 25.46
N MET A 252 -9.30 12.88 24.52
CA MET A 252 -7.99 13.54 24.46
C MET A 252 -8.05 14.90 23.77
N VAL A 253 -8.96 15.10 22.80
CA VAL A 253 -8.96 16.37 22.09
C VAL A 253 -9.87 17.42 22.73
N ASN A 254 -10.76 17.04 23.65
CA ASN A 254 -11.60 18.05 24.25
C ASN A 254 -11.06 18.45 25.63
N ASP A 255 -11.26 19.73 25.97
CA ASP A 255 -10.68 20.41 27.14
C ASP A 255 -9.15 20.25 27.22
N GLY B 1 4.33 -6.46 -22.00
CA GLY B 1 3.13 -6.94 -21.33
C GLY B 1 3.07 -6.64 -19.84
N PRO B 2 1.86 -6.48 -19.31
CA PRO B 2 1.71 -6.05 -17.91
C PRO B 2 1.37 -7.19 -16.96
N GLY B 3 1.20 -6.86 -15.69
CA GLY B 3 0.96 -7.85 -14.67
C GLY B 3 0.28 -7.21 -13.47
N ALA B 4 0.23 -7.97 -12.39
CA ALA B 4 -0.37 -7.51 -11.14
C ALA B 4 0.73 -7.29 -10.11
N TYR B 5 0.70 -6.14 -9.43
CA TYR B 5 1.56 -5.87 -8.28
C TYR B 5 0.74 -5.99 -7.01
N ILE B 6 1.13 -6.93 -6.16
CA ILE B 6 0.32 -7.39 -5.04
C ILE B 6 1.09 -7.20 -3.75
N SER B 7 0.45 -6.54 -2.77
CA SER B 7 0.99 -6.30 -1.43
C SER B 7 0.15 -7.05 -0.41
N LEU B 8 0.79 -7.97 0.33
CA LEU B 8 0.11 -8.80 1.31
C LEU B 8 0.53 -8.40 2.71
N ASN B 9 -0.41 -8.51 3.64
CA ASN B 9 -0.10 -8.45 5.06
C ASN B 9 -0.97 -9.48 5.76
N TYR B 10 -0.36 -10.54 6.27
CA TYR B 10 -1.12 -11.55 6.98
C TYR B 10 -0.39 -11.91 8.26
N HIS B 11 -1.17 -12.39 9.24
CA HIS B 11 -0.63 -12.86 10.51
C HIS B 11 0.00 -14.23 10.28
N SER B 12 1.32 -14.32 10.46
CA SER B 12 2.02 -15.57 10.18
C SER B 12 2.08 -16.46 11.41
N PRO B 13 1.64 -17.73 11.30
CA PRO B 13 1.79 -18.67 12.42
C PRO B 13 3.24 -19.05 12.73
N THR B 14 4.19 -18.82 11.82
CA THR B 14 5.58 -19.15 12.10
C THR B 14 6.24 -18.09 12.99
N ILE B 15 6.15 -16.82 12.58
CA ILE B 15 6.79 -15.74 13.32
C ILE B 15 5.85 -15.04 14.28
N GLY B 16 4.58 -15.45 14.33
CA GLY B 16 3.67 -15.00 15.36
C GLY B 16 3.34 -13.53 15.32
N MET B 17 3.29 -12.94 14.13
CA MET B 17 2.95 -11.54 13.98
C MET B 17 2.51 -11.28 12.55
N HIS B 18 1.84 -10.15 12.36
CA HIS B 18 1.52 -9.68 11.02
C HIS B 18 2.81 -9.29 10.31
N GLN B 19 2.87 -9.59 9.02
CA GLN B 19 4.10 -9.33 8.29
C GLN B 19 3.74 -8.92 6.88
N ASN B 20 4.52 -8.00 6.31
CA ASN B 20 4.27 -7.53 4.96
C ASN B 20 5.00 -8.38 3.94
N LEU B 21 4.39 -8.45 2.75
CA LEU B 21 4.88 -9.32 1.70
C LEU B 21 4.41 -8.77 0.35
N THR B 22 5.27 -8.80 -0.65
CA THR B 22 4.91 -8.35 -1.98
C THR B 22 5.03 -9.47 -3.00
N VAL B 23 4.13 -9.42 -4.01
CA VAL B 23 4.03 -10.46 -5.05
C VAL B 23 3.91 -9.76 -6.41
N ILE B 24 4.80 -10.12 -7.34
CA ILE B 24 4.60 -9.80 -8.74
C ILE B 24 3.88 -10.99 -9.37
N LEU B 25 2.74 -10.74 -10.02
CA LEU B 25 1.98 -11.80 -10.67
C LEU B 25 1.69 -11.41 -12.11
N PRO B 26 2.48 -11.90 -13.08
CA PRO B 26 2.20 -11.59 -14.49
C PRO B 26 0.91 -12.20 -14.97
N GLU B 27 0.22 -11.48 -15.86
CA GLU B 27 -1.11 -11.88 -16.30
C GLU B 27 -1.03 -12.88 -17.45
N ASP B 28 -1.79 -13.96 -17.32
CA ASP B 28 -2.03 -14.97 -18.33
C ASP B 28 -3.47 -14.84 -18.83
N GLN B 29 -3.75 -15.43 -20.01
CA GLN B 29 -5.12 -15.42 -20.52
C GLN B 29 -6.05 -16.21 -19.62
N SER B 30 -5.53 -17.26 -18.98
CA SER B 30 -6.26 -18.08 -18.00
C SER B 30 -6.92 -17.25 -16.91
N PHE B 31 -6.33 -16.13 -16.54
CA PHE B 31 -6.77 -15.42 -15.35
C PHE B 31 -8.07 -14.65 -15.58
N PHE B 32 -8.48 -14.46 -16.83
CA PHE B 32 -9.66 -13.68 -17.16
C PHE B 32 -10.79 -14.51 -17.78
N ASN B 33 -10.64 -15.83 -17.84
CA ASN B 33 -11.63 -16.73 -18.39
C ASN B 33 -12.09 -17.66 -17.28
N SER B 34 -13.39 -17.72 -17.03
CA SER B 34 -13.84 -18.51 -15.88
C SER B 34 -14.11 -19.98 -16.20
N ASP B 35 -14.11 -20.37 -17.47
CA ASP B 35 -14.20 -21.77 -17.89
C ASP B 35 -12.86 -22.44 -18.12
N THR B 36 -11.77 -21.71 -18.06
CA THR B 36 -10.46 -22.29 -18.21
C THR B 36 -9.89 -22.72 -16.86
N THR B 37 -9.01 -23.72 -16.89
CA THR B 37 -8.14 -23.99 -15.74
C THR B 37 -6.92 -23.08 -15.79
N VAL B 38 -6.50 -22.61 -14.62
CA VAL B 38 -5.42 -21.61 -14.57
C VAL B 38 -4.09 -22.28 -14.88
N LYS B 39 -3.31 -21.65 -15.74
CA LYS B 39 -1.96 -22.16 -16.01
C LYS B 39 -1.01 -21.60 -14.97
N PRO B 40 -0.39 -22.44 -14.15
CA PRO B 40 0.50 -21.92 -13.10
C PRO B 40 1.81 -21.40 -13.70
N LEU B 41 2.30 -20.30 -13.14
CA LEU B 41 3.50 -19.63 -13.63
C LEU B 41 4.72 -20.14 -12.88
N LYS B 42 5.87 -20.05 -13.53
CA LYS B 42 7.16 -20.15 -12.84
C LYS B 42 7.27 -19.07 -11.78
N THR B 43 7.99 -19.39 -10.70
CA THR B 43 8.04 -18.50 -9.55
C THR B 43 9.48 -18.32 -9.08
N LEU B 44 9.84 -17.08 -8.74
CA LEU B 44 11.13 -16.73 -8.18
C LEU B 44 10.93 -16.17 -6.77
N MET B 45 11.61 -16.77 -5.79
N MET B 45 11.61 -16.79 -5.80
CA MET B 45 11.59 -16.28 -4.41
CA MET B 45 11.63 -16.30 -4.42
C MET B 45 12.78 -15.36 -4.23
C MET B 45 12.80 -15.35 -4.28
N LEU B 46 12.53 -14.05 -4.19
CA LEU B 46 13.58 -13.04 -4.15
C LEU B 46 13.79 -12.52 -2.74
N LEU B 47 15.02 -12.63 -2.25
CA LEU B 47 15.37 -12.40 -0.86
C LEU B 47 16.15 -11.11 -0.72
N HIS B 48 15.65 -10.17 0.06
CA HIS B 48 16.33 -8.90 0.21
C HIS B 48 17.59 -9.07 1.04
N GLY B 49 18.46 -8.08 1.01
CA GLY B 49 19.67 -8.13 1.80
C GLY B 49 19.43 -7.43 3.12
N LEU B 50 20.50 -7.34 3.90
CA LEU B 50 20.48 -6.55 5.13
C LEU B 50 20.22 -5.09 4.71
N SER B 51 19.48 -4.35 5.57
CA SER B 51 18.99 -2.96 5.48
C SER B 51 17.73 -2.83 4.64
N SER B 52 17.34 -3.84 3.85
CA SER B 52 16.20 -3.73 2.96
C SER B 52 14.94 -4.38 3.55
N ASP B 53 13.88 -4.40 2.74
CA ASP B 53 12.66 -5.12 3.10
C ASP B 53 11.92 -5.54 1.83
N GLU B 54 10.62 -5.81 1.97
CA GLU B 54 9.84 -6.34 0.87
C GLU B 54 9.54 -5.29 -0.18
N THR B 55 9.72 -4.00 0.12
CA THR B 55 9.39 -2.97 -0.85
C THR B 55 10.58 -2.54 -1.68
N THR B 56 11.80 -2.82 -1.23
CA THR B 56 12.97 -2.17 -1.83
C THR B 56 13.30 -2.72 -3.22
N TYR B 57 12.89 -3.95 -3.55
CA TYR B 57 13.20 -4.45 -4.88
C TYR B 57 12.36 -3.76 -5.93
N MET B 58 11.10 -3.46 -5.60
N MET B 58 11.08 -3.50 -5.61
CA MET B 58 10.25 -2.70 -6.51
CA MET B 58 10.26 -2.69 -6.51
C MET B 58 10.67 -1.23 -6.57
C MET B 58 10.79 -1.28 -6.62
N ARG B 59 11.23 -0.71 -5.50
CA ARG B 59 11.58 0.71 -5.46
C ARG B 59 12.88 1.01 -6.19
N TYR B 60 13.86 0.11 -6.10
CA TYR B 60 15.21 0.46 -6.54
C TYR B 60 15.65 -0.28 -7.80
N THR B 61 14.88 -1.24 -8.28
CA THR B 61 15.07 -1.89 -9.57
C THR B 61 13.77 -1.76 -10.36
N SER B 62 13.76 -2.30 -11.58
CA SER B 62 12.52 -2.41 -12.33
C SER B 62 12.26 -3.88 -12.58
N ILE B 63 12.11 -4.65 -11.49
CA ILE B 63 12.06 -6.10 -11.60
C ILE B 63 10.75 -6.56 -12.25
N GLU B 64 9.62 -5.89 -11.93
CA GLU B 64 8.33 -6.28 -12.51
C GLU B 64 8.31 -6.11 -14.02
N ARG B 65 9.04 -5.13 -14.54
CA ARG B 65 9.26 -5.01 -15.98
C ARG B 65 9.99 -6.24 -16.51
N TYR B 66 11.03 -6.69 -15.82
CA TYR B 66 11.74 -7.89 -16.26
C TYR B 66 10.91 -9.13 -16.00
N ALA B 67 10.20 -9.17 -14.87
CA ALA B 67 9.41 -10.35 -14.51
C ALA B 67 8.22 -10.54 -15.43
N ASN B 68 7.61 -9.45 -15.89
CA ASN B 68 6.45 -9.58 -16.77
C ASN B 68 6.84 -10.07 -18.16
N GLU B 69 8.04 -9.72 -18.65
CA GLU B 69 8.46 -10.17 -19.97
C GLU B 69 8.64 -11.69 -20.06
N HIS B 70 8.89 -12.36 -18.93
CA HIS B 70 9.17 -13.79 -18.92
C HIS B 70 8.14 -14.57 -18.12
N LYS B 71 6.97 -13.96 -17.84
CA LYS B 71 5.84 -14.55 -17.11
C LYS B 71 6.27 -15.21 -15.81
N LEU B 72 7.11 -14.52 -15.06
CA LEU B 72 7.71 -15.09 -13.85
C LEU B 72 7.13 -14.36 -12.66
N ALA B 73 6.50 -15.11 -11.76
CA ALA B 73 6.04 -14.56 -10.50
C ALA B 73 7.21 -14.36 -9.55
N VAL B 74 7.21 -13.23 -8.84
CA VAL B 74 8.29 -12.90 -7.92
C VAL B 74 7.67 -12.71 -6.54
N ILE B 75 8.21 -13.43 -5.56
CA ILE B 75 7.79 -13.35 -4.16
C ILE B 75 8.90 -12.67 -3.37
N MET B 76 8.60 -11.52 -2.79
CA MET B 76 9.62 -10.77 -2.03
C MET B 76 9.17 -10.68 -0.57
N PRO B 77 9.71 -11.53 0.32
CA PRO B 77 9.30 -11.45 1.73
C PRO B 77 10.21 -10.54 2.53
N ASN B 78 9.95 -10.40 3.84
CA ASN B 78 10.72 -9.51 4.71
C ASN B 78 11.23 -10.28 5.93
N VAL B 79 12.54 -10.25 6.18
CA VAL B 79 13.09 -11.04 7.27
C VAL B 79 13.89 -10.22 8.26
N ASP B 80 13.80 -8.89 8.17
CA ASP B 80 14.40 -7.94 9.14
C ASP B 80 15.93 -8.09 9.10
N HIS B 81 16.60 -8.29 10.22
CA HIS B 81 18.06 -8.43 10.30
C HIS B 81 18.48 -9.88 10.57
N SER B 82 17.65 -10.87 10.20
CA SER B 82 17.81 -12.22 10.73
C SER B 82 18.86 -13.07 10.04
N ALA B 83 19.29 -12.67 8.83
CA ALA B 83 20.09 -13.51 7.92
C ALA B 83 19.41 -14.85 7.62
N TYR B 84 18.07 -14.84 7.57
CA TYR B 84 17.23 -15.96 7.13
C TYR B 84 17.40 -17.19 8.03
N ALA B 85 17.72 -16.95 9.30
CA ALA B 85 17.95 -18.01 10.25
C ALA B 85 16.79 -18.10 11.23
N ASN B 86 16.61 -19.27 11.81
CA ASN B 86 15.77 -19.41 12.99
C ASN B 86 16.56 -18.86 14.17
N MET B 87 16.23 -17.63 14.57
CA MET B 87 17.10 -16.85 15.45
C MET B 87 17.13 -17.39 16.86
N ALA B 88 18.33 -17.33 17.46
CA ALA B 88 18.52 -17.77 18.84
C ALA B 88 17.71 -16.92 19.81
N TYR B 89 17.71 -15.61 19.60
CA TYR B 89 16.88 -14.64 20.33
C TYR B 89 16.18 -13.78 19.28
N GLY B 90 15.02 -14.23 18.81
CA GLY B 90 14.33 -13.51 17.76
C GLY B 90 13.17 -14.27 17.14
N HIS B 91 13.04 -14.17 15.83
CA HIS B 91 11.97 -14.83 15.09
C HIS B 91 12.50 -16.06 14.35
N SER B 92 11.59 -16.98 14.00
CA SER B 92 11.93 -18.19 13.26
C SER B 92 11.85 -17.92 11.76
N TYR B 93 12.84 -17.16 11.27
CA TYR B 93 12.79 -16.63 9.91
C TYR B 93 13.28 -17.62 8.83
N TYR B 94 14.04 -18.66 9.21
CA TYR B 94 14.28 -19.75 8.26
C TYR B 94 12.99 -20.48 7.96
N ASP B 95 12.27 -20.92 9.01
CA ASP B 95 11.00 -21.63 8.83
C ASP B 95 9.96 -20.73 8.17
N TYR B 96 10.08 -19.42 8.37
CA TYR B 96 9.14 -18.47 7.77
C TYR B 96 9.19 -18.51 6.24
N ILE B 97 10.38 -18.64 5.65
CA ILE B 97 10.51 -18.65 4.20
C ILE B 97 9.86 -19.90 3.60
N LEU B 98 9.98 -21.04 4.29
CA LEU B 98 9.20 -22.21 3.89
C LEU B 98 7.70 -21.99 4.07
N GLU B 99 7.30 -21.19 5.07
CA GLU B 99 5.89 -20.89 5.22
C GLU B 99 5.40 -19.98 4.10
N VAL B 100 6.17 -18.92 3.79
CA VAL B 100 5.85 -18.03 2.66
C VAL B 100 5.80 -18.80 1.35
N TYR B 101 6.76 -19.72 1.15
CA TYR B 101 6.77 -20.55 -0.05
C TYR B 101 5.48 -21.35 -0.18
N ASP B 102 5.09 -22.04 0.88
CA ASP B 102 3.86 -22.84 0.84
C ASP B 102 2.62 -21.96 0.74
N TYR B 103 2.62 -20.79 1.41
CA TYR B 103 1.45 -19.93 1.45
C TYR B 103 1.13 -19.34 0.08
N VAL B 104 2.12 -18.82 -0.62
CA VAL B 104 1.83 -18.20 -1.91
C VAL B 104 1.59 -19.24 -2.99
N HIS B 105 2.06 -20.48 -2.82
CA HIS B 105 1.76 -21.48 -3.83
C HIS B 105 0.31 -21.97 -3.71
N GLN B 106 -0.27 -21.88 -2.52
CA GLN B 106 -1.66 -22.30 -2.36
C GLN B 106 -2.64 -21.21 -2.82
N ILE B 107 -2.36 -19.95 -2.49
CA ILE B 107 -3.34 -18.89 -2.78
C ILE B 107 -3.05 -18.14 -4.07
N PHE B 108 -1.91 -18.37 -4.71
CA PHE B 108 -1.64 -17.80 -6.02
C PHE B 108 -1.45 -18.90 -7.07
N PRO B 109 -1.76 -18.61 -8.35
CA PRO B 109 -1.55 -19.63 -9.39
C PRO B 109 -0.08 -19.88 -9.70
N LEU B 110 0.64 -20.52 -8.79
CA LEU B 110 2.06 -20.79 -8.99
C LEU B 110 2.31 -22.28 -9.17
N SER B 111 3.26 -22.59 -10.06
CA SER B 111 3.74 -23.95 -10.26
C SER B 111 4.38 -24.48 -8.99
N LYS B 112 3.99 -25.68 -8.59
CA LYS B 112 4.68 -26.34 -7.51
C LYS B 112 5.76 -27.30 -8.01
N LYS B 113 5.95 -27.38 -9.33
CA LYS B 113 7.03 -28.17 -9.91
C LYS B 113 8.39 -27.61 -9.49
N ARG B 114 9.36 -28.52 -9.33
CA ARG B 114 10.70 -28.08 -8.93
C ARG B 114 11.36 -27.25 -10.01
N ASP B 115 11.21 -27.65 -11.28
CA ASP B 115 11.90 -26.96 -12.37
C ASP B 115 11.29 -25.61 -12.72
N ASP B 116 10.20 -25.21 -12.07
CA ASP B 116 9.61 -23.91 -12.29
C ASP B 116 9.81 -22.97 -11.12
N ASN B 117 10.51 -23.42 -10.07
CA ASN B 117 10.68 -22.62 -8.86
C ASN B 117 12.16 -22.29 -8.67
N PHE B 118 12.46 -21.00 -8.55
CA PHE B 118 13.82 -20.53 -8.36
C PHE B 118 13.87 -19.61 -7.13
N ILE B 119 15.09 -19.39 -6.64
CA ILE B 119 15.31 -18.51 -5.49
C ILE B 119 16.56 -17.69 -5.77
N ALA B 120 16.55 -16.43 -5.33
CA ALA B 120 17.65 -15.50 -5.60
C ALA B 120 17.68 -14.42 -4.52
N GLY B 121 18.77 -13.65 -4.51
CA GLY B 121 18.85 -12.55 -3.57
C GLY B 121 20.22 -11.91 -3.57
N HIS B 122 20.28 -10.74 -2.94
CA HIS B 122 21.52 -9.98 -2.87
C HIS B 122 22.04 -9.87 -1.44
N SER B 123 23.38 -9.92 -1.29
CA SER B 123 24.12 -9.80 -0.03
C SER B 123 23.66 -10.81 1.00
N MET B 124 22.94 -10.33 2.02
CA MET B 124 22.33 -11.24 2.99
C MET B 124 21.26 -12.11 2.32
N GLY B 125 20.54 -11.56 1.35
CA GLY B 125 19.63 -12.38 0.56
C GLY B 125 20.36 -13.39 -0.31
N GLY B 126 21.57 -13.04 -0.78
CA GLY B 126 22.39 -14.02 -1.46
C GLY B 126 22.92 -15.08 -0.51
N TYR B 127 23.23 -14.67 0.72
CA TYR B 127 23.60 -15.64 1.76
C TYR B 127 22.42 -16.55 2.11
N GLY B 128 21.22 -15.96 2.23
CA GLY B 128 20.02 -16.76 2.42
C GLY B 128 19.74 -17.67 1.24
N THR B 129 20.06 -17.22 0.02
CA THR B 129 19.85 -18.04 -1.17
C THR B 129 20.72 -19.30 -1.16
N ILE B 130 21.99 -19.16 -0.76
CA ILE B 130 22.84 -20.34 -0.80
C ILE B 130 22.51 -21.32 0.33
N LYS B 131 21.89 -20.85 1.42
CA LYS B 131 21.47 -21.76 2.47
C LYS B 131 20.22 -22.54 2.07
N PHE B 132 19.25 -21.84 1.47
CA PHE B 132 18.03 -22.53 1.09
C PHE B 132 18.28 -23.44 -0.11
N ALA B 133 19.25 -23.12 -0.95
CA ALA B 133 19.62 -24.02 -2.04
C ALA B 133 20.26 -25.30 -1.51
N LEU B 134 21.09 -25.18 -0.47
CA LEU B 134 21.81 -26.34 0.03
C LEU B 134 21.04 -27.13 1.08
N THR B 135 19.94 -26.61 1.62
CA THR B 135 19.12 -27.33 2.59
C THR B 135 17.69 -27.59 2.13
N GLN B 136 17.18 -26.90 1.11
CA GLN B 136 15.87 -27.13 0.54
C GLN B 136 15.98 -27.25 -0.98
N GLY B 137 16.91 -28.10 -1.42
CA GLY B 137 17.20 -28.25 -2.85
C GLY B 137 16.11 -28.94 -3.65
N ASP B 138 15.23 -29.69 -2.98
CA ASP B 138 14.13 -30.33 -3.69
C ASP B 138 13.07 -29.34 -4.12
N LYS B 139 13.06 -28.13 -3.55
CA LYS B 139 12.05 -27.13 -3.86
C LYS B 139 12.48 -26.14 -4.94
N PHE B 140 13.76 -26.07 -5.27
CA PHE B 140 14.24 -25.09 -6.24
C PHE B 140 15.19 -25.75 -7.22
N ALA B 141 14.99 -25.49 -8.51
CA ALA B 141 15.89 -26.05 -9.51
C ALA B 141 17.07 -25.15 -9.83
N LYS B 142 16.90 -23.83 -9.66
CA LYS B 142 17.96 -22.88 -9.96
C LYS B 142 18.06 -21.88 -8.82
N ALA B 143 19.29 -21.52 -8.47
CA ALA B 143 19.50 -20.56 -7.40
C ALA B 143 20.56 -19.58 -7.82
N VAL B 144 20.27 -18.29 -7.64
CA VAL B 144 21.16 -17.22 -8.07
C VAL B 144 21.49 -16.34 -6.86
N PRO B 145 22.64 -16.55 -6.22
CA PRO B 145 23.08 -15.58 -5.22
C PRO B 145 23.79 -14.45 -5.91
N LEU B 146 23.31 -13.22 -5.71
CA LEU B 146 23.92 -12.02 -6.25
C LEU B 146 24.70 -11.36 -5.12
N SER B 147 25.99 -11.05 -5.34
CA SER B 147 26.82 -10.26 -4.41
C SER B 147 26.84 -10.84 -3.00
N ALA B 148 26.78 -12.16 -2.91
CA ALA B 148 26.47 -12.81 -1.66
C ALA B 148 27.68 -12.83 -0.74
N VAL B 149 27.40 -13.02 0.54
CA VAL B 149 28.41 -13.38 1.51
C VAL B 149 28.29 -14.89 1.75
N PHE B 150 29.39 -15.60 1.53
CA PHE B 150 29.44 -17.05 1.67
C PHE B 150 30.20 -17.49 2.91
N GLU B 151 31.19 -16.70 3.32
CA GLU B 151 31.83 -16.91 4.62
C GLU B 151 30.99 -16.15 5.61
N ALA B 152 30.16 -16.87 6.37
CA ALA B 152 29.15 -16.23 7.19
C ALA B 152 29.72 -15.48 8.38
N GLN B 153 31.00 -15.67 8.72
CA GLN B 153 31.59 -14.94 9.84
C GLN B 153 31.70 -13.45 9.54
N ASN B 154 31.85 -13.07 8.27
CA ASN B 154 31.98 -11.67 7.93
C ASN B 154 30.67 -10.94 8.13
N LEU B 155 29.55 -11.66 8.01
CA LEU B 155 28.28 -11.02 8.27
C LEU B 155 27.98 -10.96 9.77
N MET B 156 28.35 -12.01 10.52
CA MET B 156 28.10 -12.02 11.96
C MET B 156 28.95 -10.96 12.68
N ASP B 157 30.21 -10.77 12.28
CA ASP B 157 31.02 -9.75 12.92
C ASP B 157 30.93 -8.40 12.23
N LEU B 158 29.94 -8.21 11.34
CA LEU B 158 29.78 -6.95 10.64
C LEU B 158 29.28 -5.87 11.59
N GLU B 159 29.89 -4.68 11.50
CA GLU B 159 29.48 -3.54 12.31
C GLU B 159 28.49 -2.70 11.49
N TRP B 160 27.30 -3.26 11.34
CA TRP B 160 26.21 -2.54 10.71
C TRP B 160 25.34 -1.85 11.75
N ASN B 161 24.68 -0.77 11.30
CA ASN B 161 23.70 0.02 12.05
C ASN B 161 22.63 -0.86 12.66
N ASP B 162 22.64 -0.96 13.99
CA ASP B 162 21.66 -1.67 14.82
C ASP B 162 21.61 -3.18 14.53
N PHE B 163 22.60 -3.74 13.84
CA PHE B 163 22.61 -5.16 13.53
C PHE B 163 23.12 -5.96 14.74
N SER B 164 22.39 -7.00 15.12
CA SER B 164 22.73 -7.80 16.30
C SER B 164 23.16 -9.20 15.89
N LYS B 165 24.43 -9.53 16.13
CA LYS B 165 24.93 -10.88 15.88
C LYS B 165 24.35 -11.87 16.86
N GLU B 166 24.23 -11.49 18.14
CA GLU B 166 23.78 -12.41 19.17
C GLU B 166 22.29 -12.69 19.10
N ALA B 167 21.51 -11.90 18.35
CA ALA B 167 20.12 -12.26 18.11
C ALA B 167 20.01 -13.47 17.19
N ILE B 168 20.93 -13.62 16.25
CA ILE B 168 20.86 -14.73 15.30
C ILE B 168 21.45 -16.00 15.91
N ILE B 169 22.71 -15.94 16.34
CA ILE B 169 23.47 -17.13 16.69
C ILE B 169 23.65 -17.30 18.20
N GLY B 170 23.17 -16.35 19.02
CA GLY B 170 23.28 -16.49 20.47
C GLY B 170 24.71 -16.36 20.97
N ASN B 171 25.09 -17.26 21.89
CA ASN B 171 26.39 -17.23 22.53
C ASN B 171 27.49 -17.84 21.67
N LEU B 172 27.17 -18.29 20.45
CA LEU B 172 28.17 -18.86 19.55
C LEU B 172 29.26 -17.84 19.21
N SER B 173 30.51 -18.27 19.34
CA SER B 173 31.64 -17.43 19.02
C SER B 173 32.29 -17.80 17.69
N SER B 174 31.76 -18.81 16.99
CA SER B 174 32.07 -19.06 15.60
C SER B 174 30.95 -19.86 14.96
N VAL B 175 30.79 -19.68 13.65
CA VAL B 175 29.70 -20.29 12.91
C VAL B 175 30.12 -21.55 12.18
N LYS B 176 31.42 -21.83 12.09
CA LYS B 176 31.93 -22.91 11.24
C LYS B 176 31.48 -24.27 11.76
N GLY B 177 30.96 -25.11 10.85
CA GLY B 177 30.44 -26.41 11.21
C GLY B 177 29.03 -26.40 11.74
N THR B 178 28.35 -25.27 11.74
CA THR B 178 26.96 -25.20 12.15
C THR B 178 26.09 -24.92 10.93
N GLU B 179 24.78 -24.91 11.16
CA GLU B 179 23.82 -24.64 10.09
C GLU B 179 23.90 -23.21 9.56
N HIS B 180 24.62 -22.32 10.23
CA HIS B 180 24.89 -20.98 9.71
C HIS B 180 26.07 -20.94 8.74
N ASP B 181 26.84 -22.03 8.59
CA ASP B 181 28.01 -22.02 7.72
C ASP B 181 27.66 -22.62 6.37
N PRO B 182 27.66 -21.83 5.28
CA PRO B 182 27.33 -22.39 3.95
C PRO B 182 28.36 -23.38 3.43
N TYR B 183 29.62 -23.31 3.89
CA TYR B 183 30.60 -24.30 3.47
C TYR B 183 30.28 -25.68 4.05
N TYR B 184 29.82 -25.72 5.31
CA TYR B 184 29.43 -26.99 5.91
C TYR B 184 28.16 -27.53 5.26
N LEU B 185 27.18 -26.66 5.00
CA LEU B 185 25.93 -27.11 4.40
C LEU B 185 26.15 -27.63 3.00
N LEU B 186 27.15 -27.07 2.30
CA LEU B 186 27.56 -27.59 1.01
C LEU B 186 28.15 -28.98 1.13
N ASP B 187 29.00 -29.19 2.14
CA ASP B 187 29.54 -30.52 2.40
C ASP B 187 28.44 -31.51 2.75
N LYS B 188 27.47 -31.09 3.59
CA LYS B 188 26.38 -31.97 3.97
C LYS B 188 25.48 -32.27 2.77
N ALA B 189 25.37 -31.33 1.82
CA ALA B 189 24.61 -31.61 0.61
C ALA B 189 25.36 -32.55 -0.32
N VAL B 190 26.67 -32.34 -0.46
CA VAL B 190 27.51 -33.21 -1.28
C VAL B 190 27.55 -34.61 -0.69
N ALA B 191 27.67 -34.72 0.64
CA ALA B 191 27.83 -36.01 1.28
C ALA B 191 26.54 -36.82 1.20
N GLU B 192 25.40 -36.19 1.50
CA GLU B 192 24.14 -36.91 1.54
C GLU B 192 23.48 -37.07 0.17
N ASP B 193 24.16 -36.64 -0.90
CA ASP B 193 23.61 -36.58 -2.26
C ASP B 193 22.26 -35.91 -2.26
N LYS B 194 22.28 -34.66 -1.84
CA LYS B 194 21.11 -33.83 -1.82
C LYS B 194 21.07 -33.07 -3.13
N GLN B 195 19.85 -32.74 -3.56
CA GLN B 195 19.67 -31.99 -4.81
C GLN B 195 20.28 -30.60 -4.69
N ILE B 196 21.35 -30.32 -5.42
CA ILE B 196 21.93 -28.99 -5.47
C ILE B 196 21.33 -28.28 -6.69
N PRO B 197 20.64 -27.16 -6.51
CA PRO B 197 20.09 -26.44 -7.66
C PRO B 197 21.18 -25.89 -8.55
N LYS B 198 20.80 -25.59 -9.80
CA LYS B 198 21.76 -25.03 -10.73
C LYS B 198 22.14 -23.64 -10.26
N LEU B 199 23.45 -23.39 -10.19
CA LEU B 199 23.95 -22.19 -9.55
C LEU B 199 24.46 -21.20 -10.59
N LEU B 200 23.94 -19.99 -10.52
CA LEU B 200 24.47 -18.82 -11.22
C LEU B 200 24.91 -17.84 -10.15
N ILE B 201 26.21 -17.62 -10.01
CA ILE B 201 26.73 -16.71 -9.01
C ILE B 201 27.22 -15.45 -9.71
N MET B 202 26.62 -14.32 -9.36
CA MET B 202 26.96 -13.02 -9.91
C MET B 202 27.45 -12.08 -8.82
N CYS B 203 28.53 -11.36 -9.12
CA CYS B 203 29.07 -10.35 -8.20
C CYS B 203 29.98 -9.43 -9.01
N GLY B 204 29.80 -8.12 -8.85
CA GLY B 204 30.69 -7.16 -9.47
C GLY B 204 32.05 -7.10 -8.78
N LYS B 205 33.06 -6.69 -9.54
CA LYS B 205 34.43 -6.88 -9.08
C LYS B 205 34.96 -5.75 -8.21
N GLN B 206 34.22 -4.66 -8.04
CA GLN B 206 34.57 -3.66 -7.03
C GLN B 206 33.77 -3.82 -5.76
N ASP B 207 33.01 -4.92 -5.64
CA ASP B 207 32.24 -5.20 -4.44
C ASP B 207 33.18 -5.55 -3.28
N PHE B 208 32.67 -5.35 -2.05
CA PHE B 208 33.45 -5.74 -0.88
C PHE B 208 33.49 -7.26 -0.72
N LEU B 209 32.47 -7.95 -1.24
CA LEU B 209 32.36 -9.41 -1.14
C LEU B 209 32.80 -10.11 -2.42
N TYR B 210 33.55 -9.42 -3.28
CA TYR B 210 34.04 -10.08 -4.49
C TYR B 210 35.04 -11.17 -4.17
N GLN B 211 36.00 -10.89 -3.27
CA GLN B 211 36.97 -11.92 -2.89
C GLN B 211 36.29 -13.03 -2.10
N ASP B 212 35.25 -12.70 -1.33
CA ASP B 212 34.44 -13.72 -0.69
C ASP B 212 33.79 -14.63 -1.72
N ASN B 213 33.30 -14.05 -2.81
CA ASN B 213 32.72 -14.85 -3.89
C ASN B 213 33.78 -15.65 -4.64
N LEU B 214 35.01 -15.13 -4.71
CA LEU B 214 36.05 -15.84 -5.44
C LEU B 214 36.53 -17.09 -4.69
N ASP B 215 36.54 -17.05 -3.36
CA ASP B 215 36.95 -18.21 -2.59
C ASP B 215 35.91 -19.32 -2.67
N PHE B 216 34.63 -18.95 -2.74
CA PHE B 216 33.57 -19.95 -2.77
C PHE B 216 33.51 -20.66 -4.11
N ILE B 217 33.71 -19.92 -5.21
CA ILE B 217 33.71 -20.55 -6.52
C ILE B 217 35.00 -21.31 -6.76
N ASP B 218 36.08 -20.96 -6.06
CA ASP B 218 37.27 -21.78 -6.12
C ASP B 218 37.07 -23.05 -5.31
N TYR B 219 36.31 -22.97 -4.21
CA TYR B 219 35.99 -24.18 -3.46
C TYR B 219 34.94 -25.03 -4.16
N LEU B 220 34.00 -24.41 -4.91
CA LEU B 220 33.04 -25.19 -5.69
C LEU B 220 33.74 -25.99 -6.80
N SER B 221 34.72 -25.37 -7.48
CA SER B 221 35.45 -26.09 -8.52
C SER B 221 36.38 -27.14 -7.92
N ARG B 222 36.83 -26.93 -6.68
CA ARG B 222 37.82 -27.82 -6.09
C ARG B 222 37.20 -29.09 -5.56
N ILE B 223 35.88 -29.11 -5.35
CA ILE B 223 35.16 -30.32 -4.98
C ILE B 223 34.15 -30.71 -6.05
N ASN B 224 34.25 -30.09 -7.24
CA ASN B 224 33.55 -30.49 -8.46
C ASN B 224 32.02 -30.39 -8.31
N VAL B 225 31.55 -29.22 -7.89
CA VAL B 225 30.13 -28.88 -7.90
C VAL B 225 29.90 -27.91 -9.05
N PRO B 226 28.96 -28.19 -9.97
CA PRO B 226 28.81 -27.33 -11.14
C PRO B 226 28.15 -26.02 -10.78
N TYR B 227 28.63 -24.97 -11.43
CA TYR B 227 28.13 -23.61 -11.24
C TYR B 227 28.47 -22.81 -12.49
N GLN B 228 27.88 -21.63 -12.56
CA GLN B 228 28.22 -20.64 -13.58
C GLN B 228 28.47 -19.33 -12.82
N PHE B 229 29.67 -18.77 -12.97
CA PHE B 229 30.02 -17.53 -12.27
C PHE B 229 30.16 -16.41 -13.28
N GLU B 230 29.40 -15.34 -13.10
CA GLU B 230 29.51 -14.21 -14.01
C GLU B 230 29.90 -12.96 -13.24
N ASP B 231 30.92 -12.29 -13.74
CA ASP B 231 31.43 -11.07 -13.14
C ASP B 231 31.28 -9.89 -14.10
N GLY B 232 32.10 -8.86 -13.93
CA GLY B 232 31.99 -7.67 -14.73
C GLY B 232 32.00 -6.46 -13.83
N PRO B 233 31.93 -5.26 -14.42
CA PRO B 233 31.98 -4.03 -13.63
C PRO B 233 30.71 -3.90 -12.78
N GLY B 234 30.90 -3.85 -11.48
CA GLY B 234 29.77 -3.85 -10.58
C GLY B 234 30.21 -3.61 -9.17
N ASP B 235 29.32 -3.03 -8.38
CA ASP B 235 29.70 -2.60 -7.06
C ASP B 235 28.52 -2.97 -6.16
N HIS B 236 28.60 -2.65 -4.87
CA HIS B 236 27.57 -3.18 -3.94
C HIS B 236 26.41 -2.18 -3.81
N ASP B 237 25.65 -2.06 -4.90
CA ASP B 237 24.54 -1.13 -4.93
C ASP B 237 23.43 -1.73 -5.80
N TYR B 238 22.24 -1.14 -5.67
CA TYR B 238 21.09 -1.58 -6.44
C TYR B 238 21.21 -1.27 -7.92
N ALA B 239 22.14 -0.38 -8.32
CA ALA B 239 22.40 -0.20 -9.75
C ALA B 239 22.98 -1.47 -10.36
N TYR B 240 23.87 -2.16 -9.64
CA TYR B 240 24.39 -3.43 -10.14
C TYR B 240 23.31 -4.52 -10.06
N TRP B 241 22.56 -4.57 -8.95
CA TRP B 241 21.58 -5.63 -8.74
C TRP B 241 20.38 -5.51 -9.68
N ASP B 242 20.10 -4.30 -10.18
CA ASP B 242 19.03 -4.12 -11.14
C ASP B 242 19.36 -4.80 -12.46
N GLN B 243 20.57 -4.56 -12.98
CA GLN B 243 20.99 -5.18 -14.23
C GLN B 243 21.24 -6.66 -14.05
N ALA B 244 21.75 -7.04 -12.87
CA ALA B 244 22.05 -8.44 -12.60
C ALA B 244 20.78 -9.27 -12.52
N ILE B 245 19.74 -8.74 -11.84
CA ILE B 245 18.50 -9.52 -11.73
C ILE B 245 17.79 -9.56 -13.07
N LYS B 246 18.02 -8.58 -13.95
CA LYS B 246 17.51 -8.67 -15.31
C LYS B 246 18.22 -9.80 -16.06
N ARG B 247 19.53 -9.91 -15.87
CA ARG B 247 20.28 -11.03 -16.44
C ARG B 247 19.84 -12.36 -15.83
N ALA B 248 19.56 -12.36 -14.52
CA ALA B 248 19.28 -13.60 -13.79
C ALA B 248 17.90 -14.17 -14.12
N ILE B 249 16.90 -13.30 -14.30
CA ILE B 249 15.54 -13.74 -14.63
C ILE B 249 15.48 -14.37 -16.02
N THR B 250 16.27 -13.83 -16.97
CA THR B 250 16.36 -14.46 -18.29
C THR B 250 17.03 -15.82 -18.22
N TRP B 251 18.02 -15.97 -17.33
CA TRP B 251 18.76 -17.23 -17.18
C TRP B 251 17.87 -18.32 -16.59
N MET B 252 16.93 -17.96 -15.71
CA MET B 252 16.11 -18.94 -15.01
C MET B 252 15.03 -19.55 -15.90
N VAL B 253 14.49 -18.78 -16.86
CA VAL B 253 13.32 -19.21 -17.62
C VAL B 253 13.67 -19.97 -18.89
N ASN B 254 14.95 -20.12 -19.22
CA ASN B 254 15.36 -20.86 -20.40
C ASN B 254 15.65 -22.30 -20.01
N ASP B 255 16.03 -23.13 -20.98
CA ASP B 255 16.19 -24.57 -20.73
C ASP B 255 17.43 -24.86 -19.87
N GLY C 1 -10.47 -15.40 14.13
CA GLY C 1 -9.21 -15.81 13.52
C GLY C 1 -8.59 -14.71 12.66
N PRO C 2 -7.37 -14.96 12.17
CA PRO C 2 -6.63 -13.93 11.44
C PRO C 2 -6.85 -14.04 9.93
N GLY C 3 -6.27 -13.09 9.20
CA GLY C 3 -6.40 -13.09 7.76
C GLY C 3 -5.39 -12.21 7.06
N ALA C 4 -5.51 -12.15 5.73
CA ALA C 4 -4.63 -11.38 4.88
C ALA C 4 -5.34 -10.16 4.33
N TYR C 5 -4.73 -8.99 4.46
CA TYR C 5 -5.18 -7.78 3.78
C TYR C 5 -4.32 -7.61 2.53
N ILE C 6 -4.96 -7.67 1.37
CA ILE C 6 -4.25 -7.76 0.09
C ILE C 6 -4.64 -6.55 -0.75
N SER C 7 -3.65 -5.86 -1.29
CA SER C 7 -3.88 -4.69 -2.13
C SER C 7 -3.29 -4.95 -3.52
N LEU C 8 -4.16 -5.01 -4.53
CA LEU C 8 -3.76 -5.35 -5.89
C LEU C 8 -3.82 -4.14 -6.81
N ASN C 9 -2.89 -4.11 -7.77
CA ASN C 9 -2.92 -3.18 -8.89
C ASN C 9 -2.48 -3.94 -10.14
N TYR C 10 -3.41 -4.13 -11.08
CA TYR C 10 -3.11 -4.78 -12.34
C TYR C 10 -3.69 -3.97 -13.49
N HIS C 11 -3.12 -4.17 -14.68
CA HIS C 11 -3.65 -3.57 -15.89
C HIS C 11 -4.88 -4.33 -16.34
N SER C 12 -6.04 -3.66 -16.31
CA SER C 12 -7.31 -4.25 -16.67
C SER C 12 -7.56 -4.24 -18.17
N PRO C 13 -7.69 -5.41 -18.83
CA PRO C 13 -8.06 -5.41 -20.25
C PRO C 13 -9.46 -4.92 -20.54
N THR C 14 -10.33 -4.82 -19.54
CA THR C 14 -11.66 -4.29 -19.77
C THR C 14 -11.65 -2.77 -19.84
N ILE C 15 -11.11 -2.12 -18.80
CA ILE C 15 -11.16 -0.66 -18.72
C ILE C 15 -9.87 -0.01 -19.22
N GLY C 16 -8.93 -0.81 -19.73
CA GLY C 16 -7.81 -0.28 -20.48
C GLY C 16 -6.82 0.54 -19.68
N MET C 17 -6.65 0.22 -18.39
CA MET C 17 -5.69 0.91 -17.55
C MET C 17 -5.38 0.07 -16.32
N HIS C 18 -4.31 0.46 -15.63
CA HIS C 18 -4.06 -0.07 -14.30
C HIS C 18 -5.14 0.40 -13.33
N GLN C 19 -5.55 -0.49 -12.45
CA GLN C 19 -6.59 -0.15 -11.48
C GLN C 19 -6.30 -0.83 -10.16
N ASN C 20 -6.60 -0.13 -9.06
CA ASN C 20 -6.36 -0.66 -7.73
C ASN C 20 -7.54 -1.51 -7.28
N LEU C 21 -7.24 -2.47 -6.40
CA LEU C 21 -8.23 -3.41 -5.90
C LEU C 21 -7.75 -3.91 -4.55
N THR C 22 -8.64 -3.96 -3.57
CA THR C 22 -8.28 -4.50 -2.26
C THR C 22 -9.10 -5.74 -1.95
N VAL C 23 -8.45 -6.74 -1.36
CA VAL C 23 -9.04 -8.05 -1.07
C VAL C 23 -8.76 -8.42 0.37
N ILE C 24 -9.80 -8.83 1.11
CA ILE C 24 -9.65 -9.49 2.41
C ILE C 24 -9.67 -11.00 2.17
N LEU C 25 -8.64 -11.69 2.66
CA LEU C 25 -8.56 -13.14 2.55
C LEU C 25 -8.33 -13.71 3.94
N PRO C 26 -9.37 -14.24 4.59
CA PRO C 26 -9.18 -14.94 5.86
C PRO C 26 -8.39 -16.23 5.65
N GLU C 27 -7.65 -16.63 6.68
CA GLU C 27 -6.72 -17.75 6.59
C GLU C 27 -7.44 -19.07 6.82
N ASP C 28 -7.18 -20.04 5.94
CA ASP C 28 -7.57 -21.43 6.15
C ASP C 28 -6.30 -22.26 6.26
N GLN C 29 -6.42 -23.43 6.91
CA GLN C 29 -5.24 -24.24 7.19
C GLN C 29 -4.64 -24.85 5.93
N SER C 30 -5.48 -25.08 4.91
CA SER C 30 -5.11 -25.46 3.55
C SER C 30 -3.96 -24.63 2.99
N PHE C 31 -3.95 -23.34 3.32
CA PHE C 31 -3.04 -22.39 2.68
C PHE C 31 -1.59 -22.65 3.04
N PHE C 32 -1.33 -23.30 4.18
CA PHE C 32 0.03 -23.47 4.66
C PHE C 32 0.63 -24.84 4.37
N ASN C 33 -0.14 -25.77 3.83
CA ASN C 33 0.37 -27.08 3.44
C ASN C 33 0.27 -27.18 1.92
N SER C 34 1.42 -27.26 1.26
CA SER C 34 1.50 -27.30 -0.20
C SER C 34 1.10 -28.65 -0.78
N ASP C 35 1.02 -29.69 0.04
CA ASP C 35 0.68 -31.02 -0.48
C ASP C 35 -0.83 -31.22 -0.58
N THR C 36 -1.63 -30.28 -0.09
CA THR C 36 -3.08 -30.36 -0.10
C THR C 36 -3.67 -29.47 -1.18
N THR C 37 -4.87 -29.83 -1.66
CA THR C 37 -5.64 -28.92 -2.50
C THR C 37 -6.31 -27.88 -1.60
N VAL C 38 -6.43 -26.66 -2.09
CA VAL C 38 -6.95 -25.56 -1.29
C VAL C 38 -8.45 -25.69 -1.17
N LYS C 39 -8.97 -25.41 0.03
CA LYS C 39 -10.42 -25.37 0.22
C LYS C 39 -10.91 -23.97 -0.13
N PRO C 40 -11.78 -23.82 -1.12
CA PRO C 40 -12.20 -22.48 -1.55
C PRO C 40 -13.13 -21.82 -0.54
N LEU C 41 -13.02 -20.49 -0.44
CA LEU C 41 -13.78 -19.75 0.56
C LEU C 41 -15.03 -19.10 -0.04
N LYS C 42 -15.96 -18.77 0.86
CA LYS C 42 -17.07 -17.89 0.50
C LYS C 42 -16.52 -16.52 0.20
N THR C 43 -17.06 -15.85 -0.82
CA THR C 43 -16.54 -14.54 -1.19
C THR C 43 -17.68 -13.55 -1.40
N LEU C 44 -17.45 -12.31 -0.97
CA LEU C 44 -18.39 -11.21 -1.07
C LEU C 44 -17.83 -10.17 -2.02
N MET C 45 -18.67 -9.71 -2.95
CA MET C 45 -18.35 -8.62 -3.88
C MET C 45 -18.94 -7.35 -3.29
N LEU C 46 -18.09 -6.45 -2.82
CA LEU C 46 -18.55 -5.31 -2.02
C LEU C 46 -18.30 -4.00 -2.75
N LEU C 47 -19.37 -3.23 -2.97
CA LEU C 47 -19.41 -2.13 -3.93
C LEU C 47 -19.42 -0.79 -3.20
N HIS C 48 -18.45 0.08 -3.48
CA HIS C 48 -18.38 1.35 -2.77
C HIS C 48 -19.41 2.34 -3.31
N GLY C 49 -19.64 3.40 -2.55
CA GLY C 49 -20.54 4.46 -2.97
C GLY C 49 -19.84 5.54 -3.75
N LEU C 50 -20.62 6.57 -4.12
CA LEU C 50 -20.09 7.74 -4.79
C LEU C 50 -19.19 8.54 -3.85
N SER C 51 -18.06 8.98 -4.39
CA SER C 51 -16.88 9.64 -3.81
C SER C 51 -15.95 8.64 -3.12
N SER C 52 -16.32 7.36 -3.02
CA SER C 52 -15.46 6.38 -2.39
C SER C 52 -14.60 5.67 -3.44
N ASP C 53 -13.75 4.75 -2.97
CA ASP C 53 -12.95 3.89 -3.84
C ASP C 53 -12.66 2.58 -3.12
N GLU C 54 -11.61 1.89 -3.55
CA GLU C 54 -11.28 0.56 -3.05
C GLU C 54 -10.72 0.57 -1.62
N THR C 55 -10.39 1.74 -1.08
CA THR C 55 -9.80 1.83 0.25
C THR C 55 -10.80 2.11 1.36
N THR C 56 -11.94 2.73 1.03
CA THR C 56 -12.74 3.41 2.05
C THR C 56 -13.49 2.44 2.96
N TYR C 57 -13.81 1.23 2.50
CA TYR C 57 -14.46 0.28 3.38
C TYR C 57 -13.51 -0.19 4.47
N MET C 58 -12.24 -0.42 4.11
N MET C 58 -12.24 -0.42 4.12
CA MET C 58 -11.23 -0.77 5.10
CA MET C 58 -11.25 -0.79 5.12
C MET C 58 -10.98 0.36 6.08
C MET C 58 -10.98 0.36 6.08
N ARG C 59 -11.00 1.60 5.59
CA ARG C 59 -10.62 2.73 6.42
C ARG C 59 -11.70 3.12 7.41
N TYR C 60 -12.97 3.03 7.01
CA TYR C 60 -14.04 3.60 7.81
C TYR C 60 -14.95 2.58 8.50
N THR C 61 -14.77 1.28 8.23
CA THR C 61 -15.42 0.20 8.98
C THR C 61 -14.34 -0.71 9.56
N SER C 62 -14.79 -1.76 10.26
CA SER C 62 -13.89 -2.85 10.66
C SER C 62 -14.24 -4.15 9.96
N ILE C 63 -14.38 -4.08 8.62
CA ILE C 63 -14.94 -5.19 7.84
C ILE C 63 -14.02 -6.42 7.85
N GLU C 64 -12.69 -6.21 7.92
CA GLU C 64 -11.77 -7.35 7.95
C GLU C 64 -11.93 -8.14 9.24
N ARG C 65 -12.22 -7.45 10.35
CA ARG C 65 -12.56 -8.13 11.59
C ARG C 65 -13.85 -8.95 11.46
N TYR C 66 -14.87 -8.39 10.79
CA TYR C 66 -16.12 -9.14 10.64
C TYR C 66 -15.95 -10.32 9.68
N ALA C 67 -15.23 -10.09 8.58
CA ALA C 67 -15.05 -11.11 7.54
C ALA C 67 -14.20 -12.28 8.04
N ASN C 68 -13.19 -12.00 8.87
CA ASN C 68 -12.37 -13.08 9.42
C ASN C 68 -13.17 -13.95 10.37
N GLU C 69 -14.13 -13.36 11.06
CA GLU C 69 -14.97 -14.11 11.99
C GLU C 69 -15.86 -15.10 11.28
N HIS C 70 -16.23 -14.82 10.03
CA HIS C 70 -17.12 -15.68 9.28
C HIS C 70 -16.45 -16.34 8.09
N LYS C 71 -15.12 -16.22 7.97
CA LYS C 71 -14.30 -16.79 6.89
C LYS C 71 -14.86 -16.46 5.52
N LEU C 72 -15.12 -15.17 5.34
CA LEU C 72 -15.69 -14.62 4.12
C LEU C 72 -14.63 -13.77 3.44
N ALA C 73 -14.27 -14.13 2.22
CA ALA C 73 -13.46 -13.26 1.38
C ALA C 73 -14.29 -12.04 0.98
N VAL C 74 -13.65 -10.88 0.93
CA VAL C 74 -14.31 -9.64 0.51
C VAL C 74 -13.49 -9.04 -0.62
N ILE C 75 -14.14 -8.67 -1.72
CA ILE C 75 -13.49 -8.02 -2.86
C ILE C 75 -14.02 -6.59 -2.96
N MET C 76 -13.14 -5.61 -2.87
CA MET C 76 -13.56 -4.21 -2.94
C MET C 76 -12.91 -3.53 -4.13
N PRO C 77 -13.62 -3.40 -5.28
CA PRO C 77 -13.02 -2.72 -6.44
C PRO C 77 -13.30 -1.23 -6.44
N ASN C 78 -12.78 -0.55 -7.45
CA ASN C 78 -12.95 0.89 -7.59
C ASN C 78 -13.53 1.20 -8.96
N VAL C 79 -14.63 1.95 -8.98
CA VAL C 79 -15.32 2.23 -10.24
C VAL C 79 -15.53 3.72 -10.46
N ASP C 80 -14.93 4.56 -9.62
CA ASP C 80 -14.91 6.02 -9.77
C ASP C 80 -16.35 6.53 -9.64
N HIS C 81 -16.84 7.39 -10.55
CA HIS C 81 -18.17 7.99 -10.47
C HIS C 81 -19.17 7.32 -11.41
N SER C 82 -18.93 6.07 -11.77
CA SER C 82 -19.57 5.48 -12.94
C SER C 82 -20.99 5.02 -12.73
N ALA C 83 -21.44 4.92 -11.46
CA ALA C 83 -22.68 4.25 -11.07
C ALA C 83 -22.74 2.81 -11.58
N TYR C 84 -21.55 2.18 -11.67
CA TYR C 84 -21.38 0.76 -12.01
C TYR C 84 -21.97 0.42 -13.37
N ALA C 85 -21.91 1.39 -14.28
CA ALA C 85 -22.46 1.28 -15.62
C ALA C 85 -21.34 1.21 -16.65
N ASN C 86 -21.66 0.61 -17.79
CA ASN C 86 -20.87 0.79 -18.99
C ASN C 86 -21.15 2.22 -19.45
N MET C 87 -20.21 3.13 -19.17
CA MET C 87 -20.49 4.54 -19.28
C MET C 87 -20.62 4.97 -20.73
N ALA C 88 -21.51 5.95 -20.97
CA ALA C 88 -21.67 6.49 -22.31
C ALA C 88 -20.40 7.16 -22.78
N TYR C 89 -19.79 7.97 -21.91
CA TYR C 89 -18.51 8.65 -22.16
C TYR C 89 -17.58 8.32 -20.99
N GLY C 90 -16.91 7.17 -21.09
CA GLY C 90 -16.04 6.73 -20.02
C GLY C 90 -15.61 5.28 -20.11
N HIS C 91 -15.56 4.61 -18.97
CA HIS C 91 -15.04 3.25 -18.89
C HIS C 91 -16.19 2.26 -18.85
N SER C 92 -15.86 1.01 -19.21
CA SER C 92 -16.82 -0.09 -19.19
C SER C 92 -16.84 -0.69 -17.77
N TYR C 93 -17.42 0.07 -16.84
CA TYR C 93 -17.32 -0.33 -15.44
C TYR C 93 -18.36 -1.38 -15.04
N TYR C 94 -19.46 -1.51 -15.80
CA TYR C 94 -20.33 -2.67 -15.62
C TYR C 94 -19.57 -3.95 -15.98
N ASP C 95 -18.89 -3.96 -17.12
CA ASP C 95 -18.09 -5.11 -17.50
C ASP C 95 -16.87 -5.30 -16.60
N TYR C 96 -16.40 -4.24 -15.93
CA TYR C 96 -15.22 -4.36 -15.07
C TYR C 96 -15.48 -5.26 -13.86
N ILE C 97 -16.69 -5.20 -13.30
CA ILE C 97 -17.02 -5.98 -12.11
C ILE C 97 -17.04 -7.47 -12.42
N LEU C 98 -17.55 -7.85 -13.60
CA LEU C 98 -17.47 -9.25 -14.00
C LEU C 98 -16.03 -9.65 -14.32
N GLU C 99 -15.21 -8.71 -14.79
CA GLU C 99 -13.79 -8.99 -14.98
C GLU C 99 -13.09 -9.20 -13.65
N VAL C 100 -13.39 -8.33 -12.66
CA VAL C 100 -12.85 -8.47 -11.31
C VAL C 100 -13.32 -9.79 -10.71
N TYR C 101 -14.60 -10.13 -10.92
CA TYR C 101 -15.16 -11.39 -10.45
C TYR C 101 -14.44 -12.58 -11.08
N ASP C 102 -14.22 -12.52 -12.40
CA ASP C 102 -13.51 -13.62 -13.05
C ASP C 102 -12.06 -13.69 -12.60
N TYR C 103 -11.41 -12.54 -12.44
CA TYR C 103 -9.99 -12.49 -12.11
C TYR C 103 -9.70 -13.06 -10.72
N VAL C 104 -10.45 -12.59 -9.71
CA VAL C 104 -10.13 -13.01 -8.35
C VAL C 104 -10.58 -14.44 -8.05
N HIS C 105 -11.56 -14.97 -8.79
CA HIS C 105 -11.90 -16.39 -8.65
C HIS C 105 -10.89 -17.28 -9.37
N GLN C 106 -10.18 -16.75 -10.37
CA GLN C 106 -9.15 -17.54 -11.03
C GLN C 106 -7.84 -17.55 -10.25
N ILE C 107 -7.47 -16.41 -9.65
CA ILE C 107 -6.13 -16.34 -9.04
C ILE C 107 -6.15 -16.58 -7.53
N PHE C 108 -7.26 -16.35 -6.85
CA PHE C 108 -7.34 -16.59 -5.43
C PHE C 108 -8.15 -17.85 -5.17
N PRO C 109 -7.97 -18.52 -4.03
CA PRO C 109 -8.77 -19.72 -3.77
C PRO C 109 -10.22 -19.41 -3.46
N LEU C 110 -10.97 -18.97 -4.46
CA LEU C 110 -12.33 -18.51 -4.26
C LEU C 110 -13.30 -19.48 -4.92
N SER C 111 -14.45 -19.68 -4.27
CA SER C 111 -15.36 -20.71 -4.73
C SER C 111 -16.27 -20.19 -5.83
N LYS C 112 -16.46 -21.01 -6.84
CA LYS C 112 -17.25 -20.69 -8.01
C LYS C 112 -18.66 -21.27 -7.91
N LYS C 113 -18.97 -21.90 -6.78
CA LYS C 113 -20.36 -22.25 -6.47
C LYS C 113 -21.20 -20.98 -6.37
N ARG C 114 -22.43 -21.05 -6.90
CA ARG C 114 -23.33 -19.91 -6.79
C ARG C 114 -23.68 -19.63 -5.33
N ASP C 115 -23.90 -20.68 -4.54
CA ASP C 115 -24.30 -20.52 -3.15
C ASP C 115 -23.20 -19.96 -2.26
N ASP C 116 -21.98 -19.78 -2.76
CA ASP C 116 -20.88 -19.25 -1.97
C ASP C 116 -20.57 -17.79 -2.32
N ASN C 117 -21.24 -17.20 -3.30
CA ASN C 117 -20.90 -15.88 -3.80
C ASN C 117 -22.04 -14.92 -3.52
N PHE C 118 -21.72 -13.79 -2.87
CA PHE C 118 -22.71 -12.77 -2.52
C PHE C 118 -22.22 -11.42 -3.03
N ILE C 119 -23.11 -10.43 -3.01
CA ILE C 119 -22.78 -9.09 -3.46
C ILE C 119 -23.50 -8.06 -2.58
N ALA C 120 -22.82 -6.96 -2.27
CA ALA C 120 -23.39 -5.94 -1.39
C ALA C 120 -22.78 -4.58 -1.73
N GLY C 121 -23.36 -3.53 -1.16
CA GLY C 121 -22.83 -2.20 -1.39
C GLY C 121 -23.72 -1.14 -0.78
N HIS C 122 -23.20 0.09 -0.79
CA HIS C 122 -23.93 1.20 -0.20
C HIS C 122 -24.08 2.36 -1.16
N SER C 123 -25.23 3.05 -1.04
CA SER C 123 -25.64 4.18 -1.88
C SER C 123 -25.59 3.81 -3.35
N MET C 124 -24.63 4.41 -4.07
CA MET C 124 -24.35 4.04 -5.45
C MET C 124 -23.91 2.57 -5.56
N GLY C 125 -23.21 2.06 -4.54
CA GLY C 125 -22.93 0.64 -4.52
C GLY C 125 -24.15 -0.19 -4.22
N GLY C 126 -25.12 0.36 -3.48
CA GLY C 126 -26.37 -0.34 -3.30
C GLY C 126 -27.19 -0.39 -4.59
N TYR C 127 -27.17 0.71 -5.35
CA TYR C 127 -27.73 0.71 -6.69
C TYR C 127 -26.96 -0.23 -7.60
N GLY C 128 -25.65 -0.35 -7.41
CA GLY C 128 -24.89 -1.29 -8.20
C GLY C 128 -25.22 -2.74 -7.92
N THR C 129 -25.36 -3.11 -6.65
CA THR C 129 -25.58 -4.52 -6.34
C THR C 129 -26.95 -4.99 -6.79
N ILE C 130 -27.97 -4.13 -6.75
CA ILE C 130 -29.26 -4.59 -7.24
C ILE C 130 -29.25 -4.67 -8.77
N LYS C 131 -28.41 -3.88 -9.44
CA LYS C 131 -28.26 -4.04 -10.88
C LYS C 131 -27.61 -5.38 -11.20
N PHE C 132 -26.56 -5.75 -10.48
CA PHE C 132 -25.90 -7.01 -10.73
C PHE C 132 -26.73 -8.18 -10.22
N ALA C 133 -27.57 -7.96 -9.20
CA ALA C 133 -28.47 -9.00 -8.75
C ALA C 133 -29.49 -9.35 -9.81
N LEU C 134 -30.05 -8.34 -10.48
CA LEU C 134 -31.11 -8.54 -11.46
C LEU C 134 -30.60 -8.92 -12.84
N THR C 135 -29.32 -8.72 -13.13
CA THR C 135 -28.77 -9.07 -14.43
C THR C 135 -27.72 -10.18 -14.39
N GLN C 136 -27.11 -10.46 -13.25
CA GLN C 136 -26.15 -11.56 -13.12
C GLN C 136 -26.54 -12.46 -11.95
N GLY C 137 -27.81 -12.88 -11.95
CA GLY C 137 -28.37 -13.64 -10.85
C GLY C 137 -27.77 -15.02 -10.67
N ASP C 138 -27.24 -15.59 -11.75
CA ASP C 138 -26.61 -16.92 -11.65
C ASP C 138 -25.26 -16.87 -10.95
N LYS C 139 -24.65 -15.68 -10.84
CA LYS C 139 -23.36 -15.50 -10.17
C LYS C 139 -23.47 -15.33 -8.66
N PHE C 140 -24.61 -14.89 -8.13
CA PHE C 140 -24.72 -14.58 -6.71
C PHE C 140 -25.97 -15.23 -6.13
N ALA C 141 -25.80 -15.89 -4.97
CA ALA C 141 -26.94 -16.47 -4.26
C ALA C 141 -27.66 -15.46 -3.38
N LYS C 142 -26.96 -14.45 -2.88
CA LYS C 142 -27.56 -13.44 -2.01
C LYS C 142 -27.05 -12.05 -2.43
N ALA C 143 -27.88 -11.04 -2.18
CA ALA C 143 -27.53 -9.65 -2.51
C ALA C 143 -28.00 -8.73 -1.39
N VAL C 144 -27.12 -7.81 -0.96
CA VAL C 144 -27.40 -6.91 0.17
C VAL C 144 -27.22 -5.44 -0.20
N PRO C 145 -28.23 -4.75 -0.73
CA PRO C 145 -28.15 -3.29 -0.86
C PRO C 145 -28.28 -2.61 0.49
N LEU C 146 -27.38 -1.65 0.77
CA LEU C 146 -27.41 -0.86 1.99
C LEU C 146 -27.63 0.60 1.63
N SER C 147 -28.71 1.21 2.17
CA SER C 147 -29.06 2.62 1.90
C SER C 147 -29.01 2.95 0.41
N ALA C 148 -29.55 2.06 -0.40
CA ALA C 148 -29.37 2.07 -1.85
C ALA C 148 -30.13 3.21 -2.54
N VAL C 149 -29.71 3.50 -3.77
CA VAL C 149 -30.47 4.31 -4.71
C VAL C 149 -31.30 3.35 -5.55
N PHE C 150 -32.63 3.39 -5.40
CA PHE C 150 -33.46 2.50 -6.19
C PHE C 150 -34.16 3.19 -7.36
N GLU C 151 -34.53 4.46 -7.22
CA GLU C 151 -35.02 5.27 -8.34
C GLU C 151 -33.82 6.05 -8.89
N ALA C 152 -33.29 5.56 -10.02
CA ALA C 152 -31.98 6.02 -10.50
C ALA C 152 -31.98 7.46 -10.99
N GLN C 153 -33.15 8.05 -11.25
CA GLN C 153 -33.19 9.46 -11.63
C GLN C 153 -32.67 10.37 -10.53
N ASN C 154 -32.87 9.98 -9.26
CA ASN C 154 -32.37 10.77 -8.13
C ASN C 154 -30.85 10.72 -8.04
N LEU C 155 -30.23 9.63 -8.52
CA LEU C 155 -28.78 9.60 -8.57
C LEU C 155 -28.25 10.36 -9.78
N MET C 156 -28.93 10.25 -10.92
CA MET C 156 -28.48 10.93 -12.12
C MET C 156 -28.61 12.44 -11.99
N ASP C 157 -29.72 12.91 -11.44
CA ASP C 157 -29.96 14.34 -11.30
C ASP C 157 -29.35 14.92 -10.03
N LEU C 158 -28.59 14.14 -9.26
CA LEU C 158 -28.00 14.65 -8.04
C LEU C 158 -26.83 15.57 -8.36
N GLU C 159 -26.82 16.75 -7.74
CA GLU C 159 -25.74 17.72 -7.95
C GLU C 159 -24.68 17.48 -6.89
N TRP C 160 -23.81 16.53 -7.19
CA TRP C 160 -22.66 16.23 -6.35
C TRP C 160 -21.44 16.83 -7.00
N ASN C 161 -20.44 17.14 -6.17
CA ASN C 161 -19.13 17.67 -6.53
C ASN C 161 -18.49 16.87 -7.65
N ASP C 162 -18.36 17.50 -8.83
CA ASP C 162 -17.70 16.97 -10.02
C ASP C 162 -18.38 15.71 -10.56
N PHE C 163 -19.62 15.43 -10.15
CA PHE C 163 -20.34 14.28 -10.67
C PHE C 163 -20.92 14.62 -12.03
N SER C 164 -20.70 13.75 -13.01
CA SER C 164 -21.15 13.98 -14.38
C SER C 164 -22.15 12.92 -14.78
N LYS C 165 -23.43 13.32 -14.88
CA LYS C 165 -24.50 12.40 -15.27
C LYS C 165 -24.38 11.98 -16.73
N GLU C 166 -24.05 12.94 -17.60
CA GLU C 166 -23.98 12.68 -19.04
C GLU C 166 -22.83 11.72 -19.38
N ALA C 167 -21.82 11.63 -18.53
CA ALA C 167 -20.76 10.64 -18.74
C ALA C 167 -21.31 9.23 -18.61
N ILE C 168 -22.33 9.04 -17.78
CA ILE C 168 -22.87 7.70 -17.54
C ILE C 168 -23.89 7.31 -18.61
N ILE C 169 -24.91 8.15 -18.81
CA ILE C 169 -26.08 7.77 -19.62
C ILE C 169 -26.16 8.48 -20.96
N GLY C 170 -25.30 9.47 -21.22
CA GLY C 170 -25.34 10.22 -22.47
C GLY C 170 -26.36 11.34 -22.43
N ASN C 171 -27.08 11.53 -23.52
CA ASN C 171 -28.11 12.57 -23.64
C ASN C 171 -29.50 12.12 -23.22
N LEU C 172 -29.63 10.97 -22.55
CA LEU C 172 -30.93 10.52 -22.07
C LEU C 172 -31.42 11.41 -20.94
N SER C 173 -32.69 11.82 -21.02
CA SER C 173 -33.27 12.73 -20.03
C SER C 173 -34.19 12.02 -19.08
N SER C 174 -34.28 10.70 -19.20
CA SER C 174 -34.86 9.85 -18.18
C SER C 174 -34.21 8.49 -18.29
N VAL C 175 -34.16 7.78 -17.16
CA VAL C 175 -33.59 6.44 -17.15
C VAL C 175 -34.66 5.37 -17.05
N LYS C 176 -35.94 5.76 -16.94
CA LYS C 176 -37.04 4.80 -16.87
C LYS C 176 -37.15 4.05 -18.19
N GLY C 177 -37.20 2.73 -18.11
CA GLY C 177 -37.26 1.89 -19.29
C GLY C 177 -35.90 1.55 -19.88
N THR C 178 -34.82 1.84 -19.17
CA THR C 178 -33.47 1.54 -19.62
C THR C 178 -32.80 0.60 -18.64
N GLU C 179 -31.62 0.12 -19.01
CA GLU C 179 -30.83 -0.76 -18.15
C GLU C 179 -30.31 -0.05 -16.89
N HIS C 180 -30.45 1.27 -16.81
CA HIS C 180 -30.10 2.01 -15.61
C HIS C 180 -31.21 2.02 -14.58
N ASP C 181 -32.43 1.62 -14.97
CA ASP C 181 -33.57 1.62 -14.06
C ASP C 181 -33.69 0.23 -13.44
N PRO C 182 -33.47 0.08 -12.14
CA PRO C 182 -33.64 -1.24 -11.50
C PRO C 182 -35.06 -1.76 -11.51
N TYR C 183 -36.07 -0.89 -11.63
CA TYR C 183 -37.46 -1.36 -11.75
C TYR C 183 -37.67 -2.08 -13.06
N TYR C 184 -37.06 -1.57 -14.13
CA TYR C 184 -37.09 -2.24 -15.43
C TYR C 184 -36.32 -3.55 -15.38
N LEU C 185 -35.17 -3.57 -14.68
CA LEU C 185 -34.39 -4.79 -14.55
C LEU C 185 -35.09 -5.81 -13.68
N LEU C 186 -35.86 -5.35 -12.69
CA LEU C 186 -36.69 -6.24 -11.90
C LEU C 186 -37.84 -6.81 -12.72
N ASP C 187 -38.50 -5.97 -13.54
CA ASP C 187 -39.58 -6.44 -14.39
C ASP C 187 -39.08 -7.44 -15.44
N LYS C 188 -37.91 -7.16 -16.01
CA LYS C 188 -37.34 -8.06 -17.01
C LYS C 188 -36.89 -9.37 -16.39
N ALA C 189 -36.41 -9.34 -15.14
CA ALA C 189 -35.92 -10.55 -14.48
C ALA C 189 -37.07 -11.47 -14.11
N VAL C 190 -38.17 -10.89 -13.63
CA VAL C 190 -39.37 -11.67 -13.29
C VAL C 190 -40.00 -12.26 -14.55
N ALA C 191 -39.90 -11.51 -15.63
CA ALA C 191 -40.46 -11.92 -16.93
C ALA C 191 -39.67 -13.07 -17.54
N GLU C 192 -38.35 -13.08 -17.47
CA GLU C 192 -37.59 -14.16 -18.14
C GLU C 192 -37.30 -15.34 -17.21
N ASP C 193 -37.91 -15.34 -16.02
CA ASP C 193 -37.73 -16.43 -15.04
C ASP C 193 -36.23 -16.63 -14.77
N LYS C 194 -35.57 -15.51 -14.48
CA LYS C 194 -34.13 -15.46 -14.13
C LYS C 194 -34.03 -15.59 -12.62
N GLN C 195 -32.94 -16.18 -12.14
CA GLN C 195 -32.72 -16.37 -10.70
C GLN C 195 -32.45 -15.04 -10.01
N ILE C 196 -33.31 -14.63 -9.10
CA ILE C 196 -33.11 -13.41 -8.32
C ILE C 196 -32.53 -13.83 -6.98
N PRO C 197 -31.36 -13.30 -6.59
CA PRO C 197 -30.73 -13.74 -5.32
C PRO C 197 -31.57 -13.37 -4.10
N LYS C 198 -31.28 -14.03 -2.99
CA LYS C 198 -31.92 -13.71 -1.72
C LYS C 198 -31.55 -12.28 -1.32
N LEU C 199 -32.58 -11.47 -1.05
CA LEU C 199 -32.41 -10.03 -0.85
C LEU C 199 -32.46 -9.69 0.64
N LEU C 200 -31.44 -8.97 1.11
CA LEU C 200 -31.47 -8.28 2.39
C LEU C 200 -31.28 -6.80 2.11
N ILE C 201 -32.30 -6.00 2.37
CA ILE C 201 -32.28 -4.57 2.08
C ILE C 201 -32.24 -3.83 3.41
N MET C 202 -31.22 -2.98 3.60
CA MET C 202 -31.02 -2.26 4.85
C MET C 202 -30.90 -0.78 4.57
N CYS C 203 -31.59 0.05 5.36
CA CYS C 203 -31.40 1.48 5.28
C CYS C 203 -31.88 2.11 6.59
N GLY C 204 -31.11 3.07 7.10
CA GLY C 204 -31.51 3.76 8.31
C GLY C 204 -32.69 4.68 8.06
N LYS C 205 -33.50 4.88 9.10
CA LYS C 205 -34.81 5.53 8.90
C LYS C 205 -34.71 7.01 8.57
N GLN C 206 -33.66 7.70 9.03
CA GLN C 206 -33.45 9.12 8.76
C GLN C 206 -32.48 9.36 7.61
N ASP C 207 -32.18 8.33 6.83
CA ASP C 207 -31.50 8.49 5.56
C ASP C 207 -32.43 9.17 4.56
N PHE C 208 -31.83 9.88 3.60
N PHE C 208 -31.83 9.88 3.59
CA PHE C 208 -32.62 10.55 2.55
CA PHE C 208 -32.61 10.55 2.55
C PHE C 208 -33.29 9.54 1.64
C PHE C 208 -33.30 9.53 1.65
N LEU C 209 -32.65 8.39 1.40
CA LEU C 209 -33.19 7.35 0.55
C LEU C 209 -33.99 6.31 1.32
N TYR C 210 -34.51 6.67 2.48
CA TYR C 210 -35.32 5.73 3.24
C TYR C 210 -36.64 5.43 2.53
N GLN C 211 -37.35 6.47 2.10
CA GLN C 211 -38.59 6.25 1.37
C GLN C 211 -38.32 5.77 -0.04
N ASP C 212 -37.16 6.16 -0.59
CA ASP C 212 -36.68 5.57 -1.83
C ASP C 212 -36.52 4.06 -1.69
N ASN C 213 -36.00 3.62 -0.54
CA ASN C 213 -35.94 2.19 -0.26
C ASN C 213 -37.33 1.62 -0.02
N LEU C 214 -38.22 2.42 0.63
CA LEU C 214 -39.56 1.93 0.94
C LEU C 214 -40.42 1.73 -0.31
N ASP C 215 -40.23 2.58 -1.32
CA ASP C 215 -40.96 2.42 -2.58
C ASP C 215 -40.54 1.16 -3.31
N PHE C 216 -39.25 0.80 -3.21
CA PHE C 216 -38.79 -0.38 -3.92
C PHE C 216 -39.27 -1.66 -3.24
N ILE C 217 -39.23 -1.70 -1.91
CA ILE C 217 -39.64 -2.92 -1.21
C ILE C 217 -41.15 -3.11 -1.28
N ASP C 218 -41.91 -2.03 -1.45
CA ASP C 218 -43.34 -2.17 -1.65
C ASP C 218 -43.65 -2.73 -3.04
N TYR C 219 -42.89 -2.29 -4.05
CA TYR C 219 -43.03 -2.85 -5.40
C TYR C 219 -42.60 -4.31 -5.44
N LEU C 220 -41.61 -4.68 -4.63
CA LEU C 220 -41.22 -6.08 -4.49
C LEU C 220 -42.36 -6.90 -3.92
N SER C 221 -43.11 -6.32 -2.98
CA SER C 221 -44.23 -7.03 -2.39
C SER C 221 -45.40 -7.12 -3.36
N ARG C 222 -45.49 -6.18 -4.31
CA ARG C 222 -46.57 -6.18 -5.29
C ARG C 222 -46.28 -7.00 -6.53
N ILE C 223 -45.04 -7.48 -6.70
CA ILE C 223 -44.69 -8.34 -7.83
C ILE C 223 -44.26 -9.74 -7.36
N ASN C 224 -44.46 -10.04 -6.06
CA ASN C 224 -44.26 -11.36 -5.43
C ASN C 224 -42.81 -11.84 -5.54
N VAL C 225 -41.89 -10.95 -5.17
CA VAL C 225 -40.47 -11.26 -5.05
C VAL C 225 -40.10 -11.18 -3.57
N PRO C 226 -39.52 -12.22 -2.97
CA PRO C 226 -39.25 -12.17 -1.54
C PRO C 226 -38.06 -11.27 -1.22
N TYR C 227 -38.12 -10.64 -0.06
CA TYR C 227 -37.04 -9.78 0.41
C TYR C 227 -37.06 -9.76 1.93
N GLN C 228 -36.03 -9.13 2.50
CA GLN C 228 -36.01 -8.88 3.94
C GLN C 228 -35.50 -7.47 4.20
N PHE C 229 -36.35 -6.64 4.79
CA PHE C 229 -36.03 -5.23 5.01
C PHE C 229 -35.76 -4.97 6.48
N GLU C 230 -34.59 -4.41 6.77
CA GLU C 230 -34.19 -4.03 8.12
C GLU C 230 -34.06 -2.52 8.17
N ASP C 231 -34.80 -1.89 9.08
CA ASP C 231 -34.74 -0.46 9.33
C ASP C 231 -34.08 -0.25 10.69
N GLY C 232 -34.40 0.86 11.36
CA GLY C 232 -33.78 1.16 12.63
C GLY C 232 -33.09 2.50 12.57
N PRO C 233 -32.53 2.96 13.69
CA PRO C 233 -31.84 4.25 13.71
C PRO C 233 -30.54 4.21 12.91
N GLY C 234 -30.41 5.16 11.99
CA GLY C 234 -29.22 5.24 11.16
C GLY C 234 -29.34 6.31 10.10
N ASP C 235 -28.20 6.86 9.66
CA ASP C 235 -28.20 7.86 8.61
C ASP C 235 -27.32 7.39 7.45
N HIS C 236 -27.01 8.33 6.54
CA HIS C 236 -26.17 8.04 5.38
C HIS C 236 -24.70 8.24 5.77
N ASP C 237 -24.21 7.33 6.60
CA ASP C 237 -22.90 7.45 7.22
C ASP C 237 -22.19 6.11 7.20
N TYR C 238 -20.85 6.18 7.27
CA TYR C 238 -20.05 4.98 7.49
C TYR C 238 -20.20 4.43 8.91
N ALA C 239 -20.74 5.23 9.84
CA ALA C 239 -21.14 4.70 11.14
C ALA C 239 -22.30 3.72 11.01
N TYR C 240 -23.24 4.03 10.12
CA TYR C 240 -24.34 3.09 9.87
C TYR C 240 -23.82 1.86 9.12
N TRP C 241 -23.02 2.08 8.07
CA TRP C 241 -22.58 0.99 7.20
C TRP C 241 -21.61 0.04 7.89
N ASP C 242 -20.91 0.50 8.92
CA ASP C 242 -20.07 -0.38 9.72
C ASP C 242 -20.92 -1.39 10.48
N GLN C 243 -21.97 -0.91 11.16
CA GLN C 243 -22.87 -1.82 11.88
C GLN C 243 -23.75 -2.60 10.92
N ALA C 244 -24.11 -2.02 9.79
CA ALA C 244 -24.99 -2.69 8.85
C ALA C 244 -24.29 -3.85 8.15
N ILE C 245 -23.05 -3.64 7.68
CA ILE C 245 -22.34 -4.72 7.01
C ILE C 245 -21.92 -5.81 7.98
N LYS C 246 -21.84 -5.50 9.28
CA LYS C 246 -21.59 -6.54 10.28
C LYS C 246 -22.79 -7.47 10.39
N ARG C 247 -23.99 -6.88 10.44
CA ARG C 247 -25.21 -7.69 10.42
C ARG C 247 -25.41 -8.34 9.07
N ALA C 248 -24.94 -7.70 8.01
CA ALA C 248 -25.07 -8.27 6.67
C ALA C 248 -24.16 -9.47 6.45
N ILE C 249 -22.90 -9.39 6.92
CA ILE C 249 -21.93 -10.48 6.75
C ILE C 249 -22.38 -11.73 7.51
N THR C 250 -22.96 -11.55 8.72
CA THR C 250 -23.47 -12.69 9.46
C THR C 250 -24.69 -13.30 8.76
N TRP C 251 -25.48 -12.46 8.09
CA TRP C 251 -26.66 -12.97 7.39
C TRP C 251 -26.28 -13.78 6.14
N MET C 252 -25.20 -13.40 5.45
CA MET C 252 -24.87 -14.03 4.18
C MET C 252 -24.35 -15.44 4.37
N VAL C 253 -23.54 -15.66 5.41
CA VAL C 253 -22.94 -16.97 5.64
C VAL C 253 -23.87 -17.94 6.34
N ASN C 254 -24.96 -17.46 6.95
CA ASN C 254 -25.80 -18.27 7.83
C ASN C 254 -26.96 -18.96 7.11
N ASP C 255 -27.14 -18.68 5.82
CA ASP C 255 -28.07 -19.40 4.92
C ASP C 255 -29.53 -19.36 5.37
N GLY D 1 21.55 8.94 -0.40
CA GLY D 1 21.33 7.52 -0.21
C GLY D 1 19.88 7.07 -0.08
N PRO D 2 19.30 7.23 1.12
CA PRO D 2 17.95 6.68 1.38
C PRO D 2 16.81 7.68 1.17
N GLY D 3 15.57 7.20 1.28
CA GLY D 3 14.43 8.07 1.13
C GLY D 3 13.17 7.41 1.63
N ALA D 4 12.07 8.14 1.52
CA ALA D 4 10.75 7.64 1.90
C ALA D 4 9.91 7.44 0.65
N TYR D 5 9.31 6.26 0.51
CA TYR D 5 8.28 6.03 -0.49
C TYR D 5 6.91 6.14 0.17
N ILE D 6 6.13 7.14 -0.25
CA ILE D 6 4.93 7.53 0.46
C ILE D 6 3.74 7.34 -0.48
N SER D 7 2.70 6.65 0.02
CA SER D 7 1.46 6.42 -0.72
C SER D 7 0.32 7.08 0.04
N LEU D 8 -0.31 8.06 -0.61
CA LEU D 8 -1.38 8.86 -0.04
C LEU D 8 -2.71 8.49 -0.67
N ASN D 9 -3.78 8.58 0.12
CA ASN D 9 -5.13 8.53 -0.40
C ASN D 9 -5.98 9.51 0.39
N TYR D 10 -6.46 10.56 -0.26
CA TYR D 10 -7.31 11.55 0.40
C TYR D 10 -8.54 11.84 -0.46
N HIS D 11 -9.57 12.38 0.19
CA HIS D 11 -10.76 12.85 -0.52
C HIS D 11 -10.45 14.18 -1.19
N SER D 12 -10.49 14.19 -2.51
CA SER D 12 -10.20 15.38 -3.31
C SER D 12 -11.42 16.29 -3.43
N PRO D 13 -11.38 17.52 -2.93
CA PRO D 13 -12.49 18.44 -3.21
C PRO D 13 -12.58 18.86 -4.67
N THR D 14 -11.52 18.66 -5.45
CA THR D 14 -11.59 19.02 -6.87
C THR D 14 -12.30 17.96 -7.68
N ILE D 15 -11.84 16.71 -7.62
CA ILE D 15 -12.45 15.68 -8.45
C ILE D 15 -13.52 14.89 -7.72
N GLY D 16 -13.83 15.25 -6.47
CA GLY D 16 -15.01 14.77 -5.78
C GLY D 16 -14.99 13.31 -5.41
N MET D 17 -13.81 12.76 -5.13
CA MET D 17 -13.69 11.37 -4.75
C MET D 17 -12.35 11.15 -4.06
N HIS D 18 -12.24 10.00 -3.40
CA HIS D 18 -10.93 9.54 -2.92
C HIS D 18 -10.04 9.21 -4.10
N GLN D 19 -8.75 9.54 -3.97
CA GLN D 19 -7.82 9.31 -5.07
C GLN D 19 -6.46 8.97 -4.49
N ASN D 20 -5.76 8.06 -5.15
CA ASN D 20 -4.43 7.66 -4.70
C ASN D 20 -3.38 8.60 -5.27
N LEU D 21 -2.28 8.73 -4.55
CA LEU D 21 -1.18 9.59 -4.91
C LEU D 21 0.08 9.02 -4.30
N THR D 22 1.15 8.89 -5.08
CA THR D 22 2.42 8.40 -4.55
C THR D 22 3.48 9.49 -4.66
N VAL D 23 4.29 9.59 -3.60
CA VAL D 23 5.27 10.65 -3.41
C VAL D 23 6.58 9.98 -3.02
N ILE D 24 7.66 10.33 -3.73
CA ILE D 24 9.01 10.00 -3.30
C ILE D 24 9.53 11.17 -2.49
N LEU D 25 10.00 10.90 -1.28
CA LEU D 25 10.53 11.94 -0.41
C LEU D 25 11.93 11.48 0.01
N PRO D 26 12.98 12.03 -0.59
CA PRO D 26 14.34 11.70 -0.15
C PRO D 26 14.66 12.25 1.24
N GLU D 27 15.51 11.52 1.95
CA GLU D 27 15.80 11.83 3.35
C GLU D 27 16.80 12.98 3.44
N ASP D 28 16.48 13.97 4.27
CA ASP D 28 17.39 15.02 4.68
C ASP D 28 17.64 14.94 6.17
N GLN D 29 18.80 15.47 6.61
CA GLN D 29 19.18 15.39 8.02
C GLN D 29 18.32 16.30 8.90
N SER D 30 17.82 17.41 8.35
CA SER D 30 16.81 18.26 9.00
C SER D 30 15.61 17.46 9.50
N PHE D 31 15.19 16.44 8.74
CA PHE D 31 13.94 15.73 9.00
C PHE D 31 14.00 14.91 10.28
N PHE D 32 15.18 14.52 10.72
CA PHE D 32 15.35 13.67 11.89
C PHE D 32 15.76 14.45 13.13
N ASN D 33 16.01 15.75 13.00
CA ASN D 33 16.44 16.59 14.11
C ASN D 33 15.35 17.60 14.44
N SER D 34 14.86 17.54 15.68
CA SER D 34 13.77 18.37 16.13
C SER D 34 14.17 19.83 16.33
N ASP D 35 15.46 20.11 16.53
CA ASP D 35 15.95 21.43 16.86
C ASP D 35 16.36 22.27 15.63
N THR D 36 16.40 21.67 14.45
CA THR D 36 16.78 22.39 13.23
C THR D 36 15.53 22.71 12.41
N THR D 37 15.64 23.76 11.60
CA THR D 37 14.58 24.04 10.65
C THR D 37 14.68 23.06 9.48
N VAL D 38 13.53 22.76 8.89
CA VAL D 38 13.49 21.81 7.77
C VAL D 38 14.03 22.51 6.52
N LYS D 39 14.87 21.82 5.76
CA LYS D 39 15.35 22.33 4.50
C LYS D 39 14.39 21.88 3.40
N PRO D 40 13.72 22.79 2.70
CA PRO D 40 12.74 22.36 1.70
C PRO D 40 13.42 21.78 0.45
N LEU D 41 12.78 20.78 -0.13
CA LEU D 41 13.38 20.05 -1.24
C LEU D 41 12.86 20.54 -2.58
N LYS D 42 13.64 20.29 -3.62
CA LYS D 42 13.17 20.45 -4.98
C LYS D 42 12.09 19.42 -5.25
N THR D 43 11.12 19.77 -6.09
CA THR D 43 10.00 18.87 -6.31
C THR D 43 9.69 18.71 -7.79
N LEU D 44 9.43 17.47 -8.19
CA LEU D 44 9.07 17.13 -9.55
C LEU D 44 7.64 16.65 -9.56
N MET D 45 6.82 17.23 -10.42
CA MET D 45 5.48 16.72 -10.70
C MET D 45 5.62 15.76 -11.87
N LEU D 46 5.36 14.48 -11.64
CA LEU D 46 5.62 13.46 -12.66
C LEU D 46 4.31 12.82 -13.10
N LEU D 47 4.02 12.93 -14.40
CA LEU D 47 2.71 12.68 -14.96
C LEU D 47 2.73 11.36 -15.76
N HIS D 48 1.86 10.44 -15.41
CA HIS D 48 1.86 9.15 -16.08
C HIS D 48 1.21 9.23 -17.46
N GLY D 49 1.47 8.22 -18.29
CA GLY D 49 0.86 8.13 -19.59
C GLY D 49 -0.47 7.40 -19.54
N LEU D 50 -1.10 7.28 -20.71
CA LEU D 50 -2.36 6.58 -20.83
C LEU D 50 -2.19 5.10 -20.54
N SER D 51 -3.17 4.54 -19.81
CA SER D 51 -3.31 3.20 -19.25
C SER D 51 -2.48 3.02 -17.98
N SER D 52 -1.66 3.98 -17.59
CA SER D 52 -0.89 3.90 -16.36
C SER D 52 -1.61 4.61 -15.22
N ASP D 53 -1.00 4.59 -14.04
CA ASP D 53 -1.57 5.30 -12.90
C ASP D 53 -0.42 5.74 -11.99
N GLU D 54 -0.75 5.96 -10.71
CA GLU D 54 0.18 6.48 -9.72
C GLU D 54 1.24 5.47 -9.31
N THR D 55 1.07 4.19 -9.67
CA THR D 55 1.99 3.14 -9.24
C THR D 55 3.08 2.79 -10.25
N THR D 56 2.84 3.04 -11.56
CA THR D 56 3.61 2.39 -12.62
C THR D 56 5.01 2.97 -12.77
N TYR D 57 5.24 4.22 -12.40
CA TYR D 57 6.59 4.77 -12.49
C TYR D 57 7.49 4.09 -11.46
N MET D 58 6.96 3.85 -10.26
N MET D 58 6.95 3.83 -10.28
CA MET D 58 7.70 3.10 -9.24
CA MET D 58 7.70 3.11 -9.27
C MET D 58 7.91 1.66 -9.68
C MET D 58 7.89 1.64 -9.64
N ARG D 59 6.90 1.05 -10.31
CA ARG D 59 6.96 -0.36 -10.65
C ARG D 59 7.86 -0.63 -11.84
N TYR D 60 7.86 0.24 -12.85
CA TYR D 60 8.51 -0.07 -14.11
C TYR D 60 9.77 0.73 -14.37
N THR D 61 10.11 1.72 -13.55
CA THR D 61 11.42 2.35 -13.55
C THR D 61 12.03 2.17 -12.16
N SER D 62 13.27 2.62 -11.99
CA SER D 62 13.86 2.68 -10.66
C SER D 62 14.08 4.14 -10.29
N ILE D 63 13.01 4.94 -10.38
CA ILE D 63 13.11 6.39 -10.25
C ILE D 63 13.50 6.83 -8.84
N GLU D 64 13.06 6.11 -7.80
CA GLU D 64 13.39 6.50 -6.43
C GLU D 64 14.88 6.41 -6.16
N ARG D 65 15.55 5.47 -6.80
CA ARG D 65 17.01 5.43 -6.76
C ARG D 65 17.59 6.68 -7.41
N TYR D 66 17.01 7.13 -8.54
CA TYR D 66 17.51 8.34 -9.18
C TYR D 66 17.16 9.58 -8.37
N ALA D 67 15.96 9.62 -7.79
CA ALA D 67 15.53 10.80 -7.04
C ALA D 67 16.29 10.94 -5.73
N ASN D 68 16.58 9.83 -5.05
CA ASN D 68 17.35 9.89 -3.81
C ASN D 68 18.78 10.32 -4.08
N GLU D 69 19.32 10.01 -5.27
CA GLU D 69 20.68 10.42 -5.60
C GLU D 69 20.80 11.93 -5.72
N HIS D 70 19.72 12.61 -6.10
CA HIS D 70 19.75 14.05 -6.28
C HIS D 70 18.85 14.80 -5.32
N LYS D 71 18.31 14.09 -4.31
CA LYS D 71 17.42 14.63 -3.27
C LYS D 71 16.26 15.42 -3.86
N LEU D 72 15.56 14.78 -4.78
CA LEU D 72 14.44 15.37 -5.47
C LEU D 72 13.17 14.69 -5.01
N ALA D 73 12.26 15.45 -4.42
CA ALA D 73 10.93 14.94 -4.18
C ALA D 73 10.21 14.77 -5.51
N VAL D 74 9.44 13.69 -5.64
CA VAL D 74 8.69 13.39 -6.86
C VAL D 74 7.23 13.18 -6.49
N ILE D 75 6.32 13.82 -7.22
CA ILE D 75 4.88 13.67 -7.01
C ILE D 75 4.27 12.99 -8.23
N MET D 76 3.66 11.84 -8.03
CA MET D 76 3.04 11.07 -9.12
C MET D 76 1.55 10.92 -8.85
N PRO D 77 0.69 11.74 -9.47
CA PRO D 77 -0.76 11.56 -9.30
C PRO D 77 -1.36 10.62 -10.33
N ASN D 78 -2.67 10.40 -10.23
CA ASN D 78 -3.41 9.55 -11.15
C ASN D 78 -4.55 10.35 -11.75
N VAL D 79 -4.65 10.36 -13.09
CA VAL D 79 -5.67 11.17 -13.75
C VAL D 79 -6.53 10.36 -14.72
N ASP D 80 -6.38 9.04 -14.71
CA ASP D 80 -7.20 8.07 -15.49
C ASP D 80 -6.97 8.34 -16.98
N HIS D 81 -8.02 8.41 -17.80
CA HIS D 81 -7.90 8.56 -19.25
C HIS D 81 -8.15 10.00 -19.70
N SER D 82 -7.86 10.99 -18.83
CA SER D 82 -8.36 12.34 -19.01
C SER D 82 -7.55 13.20 -19.96
N ALA D 83 -6.31 12.80 -20.27
CA ALA D 83 -5.30 13.65 -20.91
C ALA D 83 -5.08 14.97 -20.18
N TYR D 84 -5.20 14.93 -18.84
CA TYR D 84 -4.92 16.03 -17.92
C TYR D 84 -5.80 17.23 -18.19
N ALA D 85 -7.02 16.97 -18.65
CA ALA D 85 -7.96 18.01 -19.04
C ALA D 85 -9.07 18.13 -18.02
N ASN D 86 -9.66 19.32 -17.93
CA ASN D 86 -10.96 19.45 -17.25
C ASN D 86 -11.99 18.86 -18.21
N MET D 87 -12.38 17.62 -17.96
CA MET D 87 -13.13 16.87 -18.96
C MET D 87 -14.55 17.38 -19.10
N ALA D 88 -15.06 17.30 -20.33
CA ALA D 88 -16.45 17.67 -20.61
C ALA D 88 -17.43 16.74 -19.90
N TYR D 89 -17.18 15.44 -19.96
CA TYR D 89 -18.04 14.44 -19.31
C TYR D 89 -17.17 13.60 -18.39
N GLY D 90 -16.86 14.16 -17.21
CA GLY D 90 -15.98 13.46 -16.29
C GLY D 90 -15.40 14.35 -15.21
N HIS D 91 -14.14 14.14 -14.86
CA HIS D 91 -13.54 14.84 -13.74
C HIS D 91 -12.67 16.00 -14.18
N SER D 92 -12.51 16.95 -13.25
CA SER D 92 -11.75 18.17 -13.50
C SER D 92 -10.27 17.89 -13.25
N TYR D 93 -9.66 17.18 -14.19
CA TYR D 93 -8.31 16.68 -13.97
C TYR D 93 -7.23 17.69 -14.31
N TYR D 94 -7.53 18.75 -15.08
CA TYR D 94 -6.58 19.84 -15.17
C TYR D 94 -6.41 20.51 -13.81
N ASP D 95 -7.54 20.87 -13.18
CA ASP D 95 -7.50 21.51 -11.87
C ASP D 95 -7.00 20.58 -10.79
N TYR D 96 -7.12 19.27 -10.98
CA TYR D 96 -6.65 18.31 -9.98
C TYR D 96 -5.16 18.39 -9.78
N ILE D 97 -4.40 18.62 -10.86
CA ILE D 97 -2.95 18.71 -10.80
C ILE D 97 -2.52 19.94 -10.01
N LEU D 98 -3.22 21.06 -10.19
CA LEU D 98 -2.93 22.24 -9.37
C LEU D 98 -3.33 22.01 -7.92
N GLU D 99 -4.36 21.19 -7.68
CA GLU D 99 -4.68 20.82 -6.31
C GLU D 99 -3.60 19.94 -5.69
N VAL D 100 -3.11 18.95 -6.45
CA VAL D 100 -2.04 18.06 -5.98
C VAL D 100 -0.77 18.85 -5.68
N TYR D 101 -0.44 19.81 -6.55
CA TYR D 101 0.72 20.68 -6.33
C TYR D 101 0.55 21.48 -5.05
N ASP D 102 -0.65 22.08 -4.87
CA ASP D 102 -0.90 22.92 -3.70
C ASP D 102 -0.87 22.11 -2.41
N TYR D 103 -1.43 20.90 -2.42
CA TYR D 103 -1.55 20.11 -1.21
C TYR D 103 -0.19 19.64 -0.70
N VAL D 104 0.64 19.04 -1.58
CA VAL D 104 1.89 18.46 -1.12
C VAL D 104 2.93 19.53 -0.80
N HIS D 105 2.76 20.75 -1.33
CA HIS D 105 3.61 21.85 -0.90
C HIS D 105 3.17 22.39 0.45
N GLN D 106 1.90 22.21 0.81
CA GLN D 106 1.42 22.62 2.12
C GLN D 106 1.75 21.58 3.18
N ILE D 107 1.71 20.30 2.84
CA ILE D 107 1.88 19.26 3.85
C ILE D 107 3.29 18.63 3.90
N PHE D 108 4.05 18.65 2.80
CA PHE D 108 5.39 18.07 2.80
C PHE D 108 6.45 19.17 2.77
N PRO D 109 7.68 18.89 3.26
CA PRO D 109 8.73 19.93 3.23
C PRO D 109 9.28 20.22 1.84
N LEU D 110 8.45 20.80 1.00
CA LEU D 110 8.78 21.04 -0.40
C LEU D 110 8.92 22.54 -0.62
N SER D 111 9.84 22.93 -1.50
CA SER D 111 10.12 24.33 -1.69
C SER D 111 9.12 24.92 -2.67
N LYS D 112 8.62 26.11 -2.35
CA LYS D 112 7.61 26.73 -3.20
C LYS D 112 8.20 27.77 -4.14
N LYS D 113 9.53 27.90 -4.13
CA LYS D 113 10.23 28.69 -5.13
C LYS D 113 10.01 28.11 -6.53
N ARG D 114 9.90 29.01 -7.51
CA ARG D 114 9.77 28.59 -8.90
C ARG D 114 11.00 27.84 -9.37
N ASP D 115 12.19 28.28 -8.97
CA ASP D 115 13.43 27.65 -9.43
C ASP D 115 13.66 26.25 -8.85
N ASP D 116 12.83 25.79 -7.91
CA ASP D 116 12.97 24.48 -7.32
C ASP D 116 11.91 23.49 -7.79
N ASN D 117 10.99 23.90 -8.65
CA ASN D 117 9.86 23.05 -9.00
C ASN D 117 9.87 22.71 -10.47
N PHE D 118 9.78 21.42 -10.78
CA PHE D 118 9.80 20.94 -12.15
C PHE D 118 8.59 20.05 -12.42
N ILE D 119 8.38 19.77 -13.70
CA ILE D 119 7.27 18.93 -14.14
C ILE D 119 7.73 18.10 -15.34
N ALA D 120 7.32 16.84 -15.39
CA ALA D 120 7.72 15.94 -16.46
C ALA D 120 6.64 14.88 -16.62
N GLY D 121 6.75 14.11 -17.70
CA GLY D 121 5.79 13.04 -17.94
C GLY D 121 6.02 12.38 -19.28
N HIS D 122 5.32 11.26 -19.49
CA HIS D 122 5.51 10.50 -20.72
C HIS D 122 4.19 10.23 -21.43
N SER D 123 4.26 10.18 -22.77
CA SER D 123 3.14 10.03 -23.70
C SER D 123 2.08 11.08 -23.43
N MET D 124 0.94 10.62 -22.91
CA MET D 124 -0.14 11.50 -22.46
C MET D 124 0.34 12.43 -21.36
N GLY D 125 1.21 11.93 -20.47
CA GLY D 125 1.82 12.78 -19.46
C GLY D 125 2.80 13.77 -20.04
N GLY D 126 3.43 13.42 -21.17
CA GLY D 126 4.24 14.42 -21.85
C GLY D 126 3.38 15.49 -22.49
N TYR D 127 2.28 15.07 -23.12
CA TYR D 127 1.28 16.02 -23.62
C TYR D 127 0.67 16.83 -22.47
N GLY D 128 0.52 16.19 -21.30
CA GLY D 128 0.10 16.92 -20.12
C GLY D 128 1.14 17.92 -19.68
N THR D 129 2.43 17.55 -19.78
CA THR D 129 3.50 18.41 -19.28
C THR D 129 3.62 19.67 -20.12
N ILE D 130 3.45 19.55 -21.44
CA ILE D 130 3.55 20.72 -22.31
C ILE D 130 2.33 21.62 -22.16
N LYS D 131 1.18 21.07 -21.73
CA LYS D 131 0.03 21.91 -21.42
C LYS D 131 0.30 22.78 -20.21
N PHE D 132 0.80 22.18 -19.12
CA PHE D 132 1.06 22.94 -17.89
C PHE D 132 2.28 23.83 -18.02
N ALA D 133 3.23 23.46 -18.88
CA ALA D 133 4.36 24.35 -19.11
C ALA D 133 3.89 25.63 -19.79
N LEU D 134 2.97 25.52 -20.76
CA LEU D 134 2.52 26.70 -21.48
C LEU D 134 1.41 27.46 -20.74
N THR D 135 0.75 26.86 -19.73
CA THR D 135 -0.34 27.52 -19.02
C THR D 135 -0.10 27.74 -17.53
N GLN D 136 0.87 27.06 -16.92
CA GLN D 136 1.22 27.29 -15.51
C GLN D 136 2.71 27.55 -15.40
N GLY D 137 3.20 28.52 -16.18
CA GLY D 137 4.63 28.73 -16.26
C GLY D 137 5.27 29.28 -15.00
N ASP D 138 4.54 30.08 -14.22
CA ASP D 138 5.13 30.63 -13.01
C ASP D 138 5.29 29.60 -11.89
N LYS D 139 4.64 28.43 -12.01
CA LYS D 139 4.79 27.37 -11.02
C LYS D 139 6.02 26.50 -11.25
N PHE D 140 6.52 26.39 -12.48
CA PHE D 140 7.59 25.45 -12.80
C PHE D 140 8.71 26.14 -13.57
N ALA D 141 9.96 25.89 -13.15
CA ALA D 141 11.11 26.44 -13.86
C ALA D 141 11.52 25.65 -15.09
N LYS D 142 11.36 24.33 -15.06
CA LYS D 142 11.76 23.48 -16.17
C LYS D 142 10.69 22.41 -16.41
N ALA D 143 10.59 21.97 -17.66
CA ALA D 143 9.61 20.95 -18.04
C ALA D 143 10.25 19.94 -18.99
N VAL D 144 10.02 18.65 -18.75
CA VAL D 144 10.65 17.59 -19.54
C VAL D 144 9.59 16.63 -20.08
N PRO D 145 9.01 16.90 -21.25
CA PRO D 145 8.17 15.89 -21.90
C PRO D 145 9.03 14.76 -22.44
N LEU D 146 8.63 13.52 -22.16
CA LEU D 146 9.27 12.34 -22.73
C LEU D 146 8.27 11.67 -23.67
N SER D 147 8.66 11.52 -24.95
CA SER D 147 7.82 10.91 -25.99
C SER D 147 6.41 11.49 -26.04
N ALA D 148 6.33 12.81 -25.97
CA ALA D 148 5.04 13.47 -25.82
C ALA D 148 4.22 13.42 -27.11
N VAL D 149 2.91 13.60 -26.94
CA VAL D 149 2.00 13.86 -28.04
C VAL D 149 1.87 15.39 -28.16
N PHE D 150 2.32 15.94 -29.27
CA PHE D 150 2.21 17.39 -29.40
C PHE D 150 1.06 17.81 -30.29
N GLU D 151 0.71 17.02 -31.29
CA GLU D 151 -0.53 17.22 -32.05
C GLU D 151 -1.59 16.35 -31.39
N ALA D 152 -2.48 16.97 -30.60
CA ALA D 152 -3.39 16.24 -29.73
C ALA D 152 -4.41 15.43 -30.50
N GLN D 153 -4.60 15.71 -31.80
CA GLN D 153 -5.47 14.92 -32.66
C GLN D 153 -5.02 13.48 -32.74
N ASN D 154 -3.71 13.22 -32.64
CA ASN D 154 -3.24 11.84 -32.65
C ASN D 154 -3.63 11.12 -31.37
N LEU D 155 -3.73 11.84 -30.25
CA LEU D 155 -4.18 11.24 -29.02
C LEU D 155 -5.70 11.08 -28.99
N MET D 156 -6.42 12.09 -29.50
CA MET D 156 -7.87 12.01 -29.49
C MET D 156 -8.38 10.97 -30.46
N ASP D 157 -7.78 10.88 -31.65
CA ASP D 157 -8.19 9.89 -32.62
C ASP D 157 -7.54 8.53 -32.39
N LEU D 158 -6.81 8.35 -31.30
CA LEU D 158 -6.19 7.07 -31.04
C LEU D 158 -7.25 6.07 -30.59
N GLU D 159 -7.21 4.87 -31.18
CA GLU D 159 -8.11 3.78 -30.81
C GLU D 159 -7.39 2.93 -29.77
N TRP D 160 -7.51 3.34 -28.52
CA TRP D 160 -6.99 2.61 -27.37
C TRP D 160 -8.12 1.90 -26.66
N ASN D 161 -7.79 0.77 -26.03
CA ASN D 161 -8.69 -0.06 -25.24
C ASN D 161 -9.48 0.76 -24.20
N ASP D 162 -10.79 0.87 -24.44
CA ASP D 162 -11.77 1.56 -23.58
C ASP D 162 -11.51 3.07 -23.44
N PHE D 163 -10.73 3.65 -24.34
CA PHE D 163 -10.49 5.09 -24.29
C PHE D 163 -11.69 5.82 -24.89
N SER D 164 -12.14 6.86 -24.20
CA SER D 164 -13.32 7.63 -24.62
C SER D 164 -12.89 9.05 -24.95
N LYS D 165 -12.90 9.39 -26.25
CA LYS D 165 -12.51 10.72 -26.69
C LYS D 165 -13.55 11.76 -26.31
N GLU D 166 -14.85 11.44 -26.47
CA GLU D 166 -15.91 12.41 -26.20
C GLU D 166 -16.02 12.76 -24.73
N ALA D 167 -15.51 11.91 -23.83
CA ALA D 167 -15.51 12.24 -22.40
C ALA D 167 -14.61 13.43 -22.11
N ILE D 168 -13.53 13.61 -22.86
CA ILE D 168 -12.62 14.70 -22.60
C ILE D 168 -13.10 15.99 -23.25
N ILE D 169 -13.38 15.93 -24.55
CA ILE D 169 -13.58 17.14 -25.34
C ILE D 169 -15.03 17.41 -25.67
N GLY D 170 -15.95 16.49 -25.37
CA GLY D 170 -17.36 16.71 -25.64
C GLY D 170 -17.75 16.42 -27.06
N ASN D 171 -18.61 17.26 -27.64
CA ASN D 171 -19.09 17.00 -28.99
C ASN D 171 -18.22 17.62 -30.08
N LEU D 172 -17.02 18.10 -29.72
CA LEU D 172 -16.06 18.68 -30.67
C LEU D 172 -15.38 17.62 -31.53
N SER D 173 -15.25 17.84 -32.83
CA SER D 173 -14.57 16.83 -33.63
C SER D 173 -13.18 17.35 -34.07
N SER D 174 -12.69 18.52 -33.58
CA SER D 174 -11.28 18.80 -33.74
C SER D 174 -10.80 19.57 -32.53
N VAL D 175 -9.53 19.33 -32.20
CA VAL D 175 -8.90 19.97 -31.08
C VAL D 175 -7.95 21.04 -31.53
N LYS D 176 -7.83 21.27 -32.85
CA LYS D 176 -6.99 22.34 -33.35
C LYS D 176 -7.58 23.69 -32.96
N GLY D 177 -6.77 24.53 -32.34
CA GLY D 177 -7.18 25.86 -31.95
C GLY D 177 -7.90 26.00 -30.63
N THR D 178 -7.93 24.96 -29.80
CA THR D 178 -8.59 25.03 -28.50
C THR D 178 -7.58 24.77 -27.40
N GLU D 179 -8.04 24.79 -26.15
CA GLU D 179 -7.18 24.57 -24.99
C GLU D 179 -6.57 23.16 -24.93
N HIS D 180 -7.02 22.24 -25.78
CA HIS D 180 -6.39 20.92 -25.88
C HIS D 180 -5.21 20.89 -26.86
N ASP D 181 -5.03 21.93 -27.66
CA ASP D 181 -3.98 21.97 -28.66
C ASP D 181 -2.74 22.62 -28.06
N PRO D 182 -1.62 21.90 -27.92
CA PRO D 182 -0.41 22.56 -27.41
C PRO D 182 0.14 23.60 -28.36
N TYR D 183 -0.14 23.49 -29.66
CA TYR D 183 0.30 24.49 -30.62
C TYR D 183 -0.41 25.82 -30.41
N TYR D 184 -1.70 25.78 -30.07
CA TYR D 184 -2.40 27.01 -29.74
C TYR D 184 -1.91 27.60 -28.41
N LEU D 185 -1.69 26.75 -27.41
CA LEU D 185 -1.23 27.24 -26.11
C LEU D 185 0.18 27.78 -26.19
N LEU D 186 1.00 27.21 -27.08
CA LEU D 186 2.31 27.78 -27.36
C LEU D 186 2.19 29.12 -28.06
N ASP D 187 1.25 29.25 -29.01
CA ASP D 187 1.02 30.51 -29.70
C ASP D 187 0.53 31.58 -28.73
N LYS D 188 -0.38 31.19 -27.82
CA LYS D 188 -0.90 32.14 -26.82
C LYS D 188 0.18 32.52 -25.82
N ALA D 189 1.14 31.62 -25.57
CA ALA D 189 2.20 31.90 -24.61
C ALA D 189 3.18 32.93 -25.14
N VAL D 190 3.59 32.82 -26.41
CA VAL D 190 4.47 33.82 -27.00
C VAL D 190 3.73 35.13 -27.21
N ALA D 191 2.41 35.08 -27.44
CA ALA D 191 1.65 36.30 -27.70
C ALA D 191 1.52 37.15 -26.44
N GLU D 192 1.29 36.51 -25.29
CA GLU D 192 1.09 37.22 -24.05
C GLU D 192 2.38 37.46 -23.27
N ASP D 193 3.54 37.08 -23.83
CA ASP D 193 4.85 37.07 -23.17
C ASP D 193 4.77 36.43 -21.78
N LYS D 194 4.37 35.17 -21.77
CA LYS D 194 4.30 34.35 -20.58
C LYS D 194 5.57 33.54 -20.40
N GLN D 195 5.96 33.33 -19.14
CA GLN D 195 7.15 32.53 -18.83
C GLN D 195 6.96 31.10 -19.31
N ILE D 196 7.87 30.66 -20.17
CA ILE D 196 7.92 29.27 -20.61
C ILE D 196 9.06 28.59 -19.84
N PRO D 197 8.80 27.46 -19.19
CA PRO D 197 9.87 26.76 -18.47
C PRO D 197 10.96 26.26 -19.41
N LYS D 198 12.13 25.96 -18.82
CA LYS D 198 13.22 25.40 -19.59
C LYS D 198 12.83 24.03 -20.12
N LEU D 199 12.95 23.84 -21.44
CA LEU D 199 12.40 22.68 -22.11
C LEU D 199 13.51 21.69 -22.42
N LEU D 200 13.35 20.47 -21.94
CA LEU D 200 14.15 19.33 -22.38
C LEU D 200 13.14 18.36 -22.98
N ILE D 201 13.22 18.14 -24.28
CA ILE D 201 12.27 17.29 -24.97
C ILE D 201 13.01 16.04 -25.40
N MET D 202 12.59 14.90 -24.87
CA MET D 202 13.25 13.63 -25.12
C MET D 202 12.30 12.71 -25.89
N CYS D 203 12.83 11.98 -26.87
CA CYS D 203 12.06 11.01 -27.61
C CYS D 203 12.99 10.02 -28.31
N GLY D 204 12.65 8.74 -28.24
CA GLY D 204 13.44 7.73 -28.92
C GLY D 204 13.21 7.78 -30.42
N LYS D 205 14.27 7.47 -31.18
CA LYS D 205 14.19 7.63 -32.64
C LYS D 205 13.27 6.60 -33.28
N GLN D 206 13.05 5.47 -32.62
CA GLN D 206 12.15 4.46 -33.11
C GLN D 206 10.77 4.53 -32.44
N ASP D 207 10.49 5.62 -31.73
CA ASP D 207 9.14 5.89 -31.27
C ASP D 207 8.27 6.36 -32.45
N PHE D 208 6.96 6.29 -32.24
CA PHE D 208 5.99 6.73 -33.23
C PHE D 208 5.60 8.18 -33.06
N LEU D 209 5.80 8.74 -31.88
CA LEU D 209 5.72 10.19 -31.73
C LEU D 209 7.07 10.86 -31.94
N TYR D 210 8.00 10.19 -32.62
CA TYR D 210 9.28 10.80 -32.93
C TYR D 210 9.09 11.90 -33.97
N GLN D 211 8.33 11.61 -35.03
CA GLN D 211 8.06 12.63 -36.03
C GLN D 211 7.08 13.67 -35.48
N ASP D 212 6.22 13.25 -34.55
CA ASP D 212 5.40 14.19 -33.79
C ASP D 212 6.27 15.15 -32.99
N ASN D 213 7.35 14.63 -32.38
CA ASN D 213 8.27 15.49 -31.65
C ASN D 213 9.13 16.36 -32.56
N LEU D 214 9.48 15.85 -33.75
CA LEU D 214 10.30 16.64 -34.67
C LEU D 214 9.56 17.84 -35.21
N ASP D 215 8.24 17.71 -35.40
CA ASP D 215 7.43 18.84 -35.84
C ASP D 215 7.34 19.92 -34.77
N PHE D 216 7.29 19.51 -33.49
CA PHE D 216 7.11 20.47 -32.42
C PHE D 216 8.39 21.27 -32.14
N ILE D 217 9.53 20.60 -32.12
CA ILE D 217 10.77 21.29 -31.80
C ILE D 217 11.18 22.21 -32.94
N ASP D 218 10.80 21.86 -34.18
CA ASP D 218 11.07 22.74 -35.30
C ASP D 218 10.21 23.99 -35.24
N TYR D 219 8.95 23.83 -34.80
CA TYR D 219 8.07 24.97 -34.59
C TYR D 219 8.57 25.88 -33.48
N LEU D 220 9.20 25.29 -32.44
CA LEU D 220 9.75 26.08 -31.34
C LEU D 220 10.88 26.98 -31.81
N SER D 221 11.74 26.48 -32.71
CA SER D 221 12.84 27.30 -33.21
C SER D 221 12.35 28.38 -34.15
N ARG D 222 11.19 28.20 -34.77
CA ARG D 222 10.68 29.21 -35.68
C ARG D 222 9.99 30.35 -34.98
N ILE D 223 9.69 30.18 -33.69
CA ILE D 223 9.10 31.23 -32.86
C ILE D 223 10.03 31.66 -31.75
N ASN D 224 11.31 31.21 -31.81
CA ASN D 224 12.39 31.65 -30.93
C ASN D 224 12.11 31.30 -29.47
N VAL D 225 11.75 30.05 -29.24
CA VAL D 225 11.62 29.52 -27.89
C VAL D 225 12.74 28.49 -27.68
N PRO D 226 13.59 28.66 -26.67
CA PRO D 226 14.70 27.72 -26.49
C PRO D 226 14.25 26.38 -25.93
N TYR D 227 14.96 25.34 -26.34
CA TYR D 227 14.69 23.97 -25.91
C TYR D 227 15.99 23.18 -26.03
N GLN D 228 15.95 21.93 -25.53
CA GLN D 228 17.05 21.00 -25.74
C GLN D 228 16.45 19.65 -26.12
N PHE D 229 16.81 19.13 -27.29
CA PHE D 229 16.25 17.87 -27.78
C PHE D 229 17.30 16.78 -27.71
N GLU D 230 16.99 15.73 -26.96
CA GLU D 230 17.84 14.54 -26.88
C GLU D 230 17.09 13.37 -27.50
N ASP D 231 17.70 12.76 -28.52
CA ASP D 231 17.21 11.59 -29.23
C ASP D 231 18.11 10.39 -28.92
N GLY D 232 18.18 9.44 -29.83
CA GLY D 232 18.96 8.24 -29.64
C GLY D 232 18.09 7.00 -29.77
N PRO D 233 18.71 5.82 -29.69
CA PRO D 233 17.94 4.58 -29.80
C PRO D 233 16.98 4.40 -28.64
N GLY D 234 15.71 4.15 -28.96
CA GLY D 234 14.65 3.95 -27.99
C GLY D 234 13.30 3.79 -28.66
N ASP D 235 12.36 3.12 -28.01
CA ASP D 235 10.99 2.92 -28.50
C ASP D 235 10.02 3.48 -27.48
N HIS D 236 8.74 3.15 -27.62
CA HIS D 236 7.72 3.63 -26.67
C HIS D 236 7.51 2.63 -25.52
N ASP D 237 8.53 2.54 -24.65
CA ASP D 237 8.54 1.54 -23.59
C ASP D 237 9.14 2.15 -22.33
N TYR D 238 8.84 1.53 -21.20
CA TYR D 238 9.47 1.90 -19.94
C TYR D 238 10.95 1.61 -19.90
N ALA D 239 11.50 0.82 -20.84
CA ALA D 239 12.95 0.70 -20.94
C ALA D 239 13.58 2.02 -21.38
N TYR D 240 12.91 2.75 -22.27
CA TYR D 240 13.41 4.07 -22.67
C TYR D 240 13.24 5.08 -21.53
N TRP D 241 12.02 5.13 -20.96
CA TRP D 241 11.67 6.15 -19.97
C TRP D 241 12.40 5.99 -18.66
N ASP D 242 12.87 4.77 -18.34
CA ASP D 242 13.71 4.56 -17.17
C ASP D 242 15.04 5.27 -17.34
N GLN D 243 15.68 5.06 -18.49
CA GLN D 243 16.94 5.74 -18.79
C GLN D 243 16.70 7.23 -19.07
N ALA D 244 15.54 7.57 -19.66
CA ALA D 244 15.28 8.96 -20.01
C ALA D 244 15.07 9.80 -18.76
N ILE D 245 14.26 9.33 -17.81
CA ILE D 245 14.01 10.09 -16.58
C ILE D 245 15.24 10.11 -15.68
N LYS D 246 16.17 9.16 -15.84
CA LYS D 246 17.42 9.22 -15.10
C LYS D 246 18.28 10.38 -15.56
N ARG D 247 18.42 10.53 -16.89
CA ARG D 247 19.12 11.71 -17.41
C ARG D 247 18.28 12.98 -17.24
N ALA D 248 16.95 12.84 -17.23
CA ALA D 248 16.09 14.01 -17.08
C ALA D 248 16.21 14.61 -15.68
N ILE D 249 16.22 13.75 -14.66
CA ILE D 249 16.37 14.21 -13.28
C ILE D 249 17.73 14.86 -13.07
N THR D 250 18.79 14.29 -13.66
CA THR D 250 20.12 14.88 -13.55
C THR D 250 20.18 16.23 -14.27
N TRP D 251 19.41 16.38 -15.35
CA TRP D 251 19.42 17.66 -16.05
C TRP D 251 18.72 18.73 -15.21
N MET D 252 17.61 18.40 -14.54
CA MET D 252 16.86 19.45 -13.85
C MET D 252 17.49 19.86 -12.52
N VAL D 253 18.20 18.98 -11.81
CA VAL D 253 18.71 19.41 -10.51
C VAL D 253 19.99 20.23 -10.55
N ASN D 254 20.75 20.23 -11.65
CA ASN D 254 22.05 20.86 -11.62
C ASN D 254 22.04 22.36 -11.92
N ASP D 255 20.90 22.91 -12.32
CA ASP D 255 20.80 24.35 -12.45
C ASP D 255 19.38 24.80 -12.11
#